data_5VXZ
#
_entry.id   5VXZ
#
_cell.length_a   77.220
_cell.length_b   80.470
_cell.length_c   249.650
_cell.angle_alpha   90.000
_cell.angle_beta   90.000
_cell.angle_gamma   90.000
#
_symmetry.space_group_name_H-M   'P 21 21 21'
#
loop_
_entity.id
_entity.type
_entity.pdbx_description
1 polymer 'Growth arrest-specific protein 6'
2 polymer 'Tyrosine-protein kinase receptor UFO'
3 branched 2-acetamido-2-deoxy-beta-D-glucopyranose-(1-4)-2-acetamido-2-deoxy-beta-D-glucopyranose
4 non-polymer 'CALCIUM ION'
5 non-polymer 'CHLORIDE ION'
6 water water
#
loop_
_entity_poly.entity_id
_entity_poly.type
_entity_poly.pdbx_seq_one_letter_code
_entity_poly.pdbx_strand_id
1 'polypeptide(L)'
;LPCVPFSVAKSVKSLYLGRMFSGTPVIRLRFKRLQPTRLVAEFDFRTFDPEGILLFAGGHQDSTWIVLALRAGRLELQLR
YNGVGRVTSSGPVINHGMWQTISVEELARNLVIKVNRDAVMKIAVAGDLFQPERGLYHLNLTVGGIPFHEKDLVQPINPR
LDGCMRSWNWLNGEDTTIQETVKVNTRMQCFSVTERGSFYPGSGFAFYSLDYMRTPLDVGTESTWEVEVVAHIRPAADTG
VLFALWAPDLRAVPLSVALVDYHSTKKLKKQLVVLAVEHTALALMEIKVCDGQEHVVTVSLRDGEATLEVDGTRGQSEVS
AAQLQERLAVLERHLRSPVLTFAGGLPDVPVTSAPVTAFYRGCMTLEVNRRLLDLDEAAYKHSDITAHSCPPVEP
;
A,B
2 'polypeptide(L)'
;ESPFVSNPGNITGARGLTGTLRCQLQVQGEPPEVHWLRDGQILELVDSTQTQVPLGEDEQGDWIVASQLRITSLQLSDTG
QYQCLVFLGHQTFVSQPGYVRL
;
C,D
#
# COMPACT_ATOMS: atom_id res chain seq x y z
N LEU A 1 -6.21 8.22 1.51
CA LEU A 1 -6.50 9.60 1.00
C LEU A 1 -6.09 10.63 2.05
N PRO A 2 -5.18 11.57 1.71
CA PRO A 2 -4.67 12.54 2.74
C PRO A 2 -5.74 13.41 3.40
N CYS A 3 -5.75 13.50 4.74
CA CYS A 3 -6.77 14.31 5.44
C CYS A 3 -6.67 15.83 5.15
N VAL A 4 -5.49 16.33 4.79
CA VAL A 4 -5.25 17.77 4.63
C VAL A 4 -4.56 18.06 3.27
N PRO A 5 -5.33 18.52 2.27
CA PRO A 5 -4.81 18.79 0.93
C PRO A 5 -3.90 20.02 0.87
N PHE A 6 -2.82 19.93 0.09
CA PHE A 6 -1.94 21.09 -0.11
C PHE A 6 -2.18 21.72 -1.48
N SER A 7 -2.00 23.05 -1.57
CA SER A 7 -2.02 23.79 -2.84
C SER A 7 -1.11 23.22 -3.94
N VAL A 8 -1.70 23.13 -5.11
CA VAL A 8 -1.09 22.51 -6.26
C VAL A 8 -0.86 23.57 -7.32
N ALA A 9 -1.10 24.82 -6.95
CA ALA A 9 -1.10 25.93 -7.89
C ALA A 9 0.35 26.28 -8.30
N LYS A 10 0.57 26.44 -9.60
CA LYS A 10 1.87 26.81 -10.13
C LYS A 10 1.70 28.08 -10.91
N SER A 11 2.73 28.93 -10.95
CA SER A 11 2.66 30.11 -11.82
C SER A 11 3.21 29.79 -13.25
N VAL A 12 2.42 30.13 -14.28
CA VAL A 12 2.73 29.69 -15.65
C VAL A 12 3.96 30.41 -16.20
N LYS A 13 4.16 31.67 -15.75
CA LYS A 13 5.22 32.57 -16.23
C LYS A 13 6.43 32.56 -15.30
N SER A 14 6.79 31.41 -14.79
CA SER A 14 7.98 31.34 -13.94
C SER A 14 8.94 30.31 -14.53
N LEU A 15 10.09 30.15 -13.88
CA LEU A 15 11.07 29.18 -14.26
C LEU A 15 11.66 28.59 -13.00
N TYR A 16 11.50 27.28 -12.83
CA TYR A 16 12.07 26.63 -11.66
C TYR A 16 13.49 26.26 -11.89
N LEU A 17 14.36 26.78 -11.03
CA LEU A 17 15.80 26.54 -11.15
C LEU A 17 16.28 25.21 -10.55
N GLY A 18 15.51 24.62 -9.63
CA GLY A 18 15.97 23.43 -8.90
C GLY A 18 15.50 22.11 -9.47
N ARG A 19 15.07 22.10 -10.73
CA ARG A 19 14.39 20.94 -11.32
C ARG A 19 15.32 19.76 -11.69
N MET A 20 16.57 20.08 -12.06
CA MET A 20 17.57 19.10 -12.46
C MET A 20 18.27 18.57 -11.24
N PHE A 21 18.59 17.27 -11.27
CA PHE A 21 18.94 16.56 -10.05
C PHE A 21 20.26 17.05 -9.48
N SER A 22 21.14 17.48 -10.38
CA SER A 22 22.53 17.64 -10.03
C SER A 22 23.13 19.04 -10.08
N GLY A 23 22.34 20.11 -10.19
CA GLY A 23 22.91 21.45 -10.46
C GLY A 23 23.47 21.62 -11.87
N THR A 24 22.98 20.75 -12.75
CA THR A 24 22.86 20.91 -14.19
C THR A 24 21.86 22.06 -14.53
N PRO A 25 22.23 22.95 -15.45
CA PRO A 25 21.35 24.07 -15.73
C PRO A 25 20.02 23.70 -16.35
N VAL A 26 18.99 24.50 -16.10
CA VAL A 26 17.66 24.24 -16.64
C VAL A 26 17.45 24.92 -17.98
N ILE A 27 18.35 25.84 -18.31
CA ILE A 27 18.37 26.49 -19.61
C ILE A 27 19.80 26.70 -20.07
N ARG A 28 20.07 26.42 -21.33
CA ARG A 28 21.34 26.83 -21.98
C ARG A 28 21.14 27.75 -23.21
N LEU A 29 21.82 28.90 -23.21
CA LEU A 29 21.70 29.85 -24.26
C LEU A 29 23.09 30.05 -24.84
N ARG A 30 23.14 30.17 -26.15
CA ARG A 30 24.35 30.50 -26.85
C ARG A 30 24.05 31.67 -27.80
N PHE A 31 24.86 32.73 -27.71
CA PHE A 31 24.71 33.92 -28.53
C PHE A 31 25.85 34.09 -29.55
N LYS A 32 25.48 34.33 -30.79
CA LYS A 32 26.41 34.85 -31.76
C LYS A 32 25.98 36.27 -32.10
N ARG A 33 26.95 37.19 -32.08
CA ARG A 33 26.61 38.58 -32.38
C ARG A 33 27.61 39.21 -33.39
N LEU A 34 27.10 40.15 -34.17
CA LEU A 34 27.88 40.77 -35.27
C LEU A 34 28.72 42.00 -34.88
N GLN A 35 28.42 42.63 -33.75
CA GLN A 35 29.19 43.79 -33.33
C GLN A 35 29.50 43.62 -31.84
N PRO A 36 30.53 44.33 -31.31
CA PRO A 36 30.86 44.14 -29.89
C PRO A 36 29.61 44.25 -29.01
N THR A 37 29.54 43.38 -28.01
CA THR A 37 28.32 43.28 -27.23
C THR A 37 28.68 43.17 -25.75
N ARG A 38 27.97 43.93 -24.93
CA ARG A 38 28.20 43.86 -23.50
C ARG A 38 27.09 43.01 -22.87
N LEU A 39 27.49 42.11 -21.98
CA LEU A 39 26.55 41.38 -21.18
C LEU A 39 25.59 42.27 -20.41
N VAL A 40 24.31 41.94 -20.52
CA VAL A 40 23.27 42.48 -19.68
C VAL A 40 22.26 41.37 -19.42
N ALA A 41 21.97 41.14 -18.15
CA ALA A 41 20.93 40.20 -17.77
C ALA A 41 20.19 40.71 -16.56
N GLU A 42 18.88 40.53 -16.59
CA GLU A 42 18.01 41.03 -15.58
C GLU A 42 16.85 40.04 -15.34
N PHE A 43 16.66 39.67 -14.11
CA PHE A 43 15.58 38.77 -13.81
C PHE A 43 15.09 39.08 -12.43
N ASP A 44 13.83 38.75 -12.21
CA ASP A 44 13.32 38.64 -10.87
C ASP A 44 13.59 37.26 -10.28
N PHE A 45 13.74 37.22 -8.94
CA PHE A 45 14.25 36.06 -8.19
C PHE A 45 13.56 35.91 -6.81
N ARG A 46 13.25 34.66 -6.44
CA ARG A 46 12.62 34.27 -5.14
C ARG A 46 13.15 32.89 -4.68
N THR A 47 13.71 32.82 -3.45
CA THR A 47 14.12 31.55 -2.85
C THR A 47 14.15 31.67 -1.37
N PHE A 48 14.14 30.53 -0.68
CA PHE A 48 14.50 30.49 0.75
C PHE A 48 15.90 29.83 0.93
N ASP A 49 16.29 29.04 -0.08
CA ASP A 49 17.60 28.40 -0.23
C ASP A 49 18.78 29.33 -0.02
N PRO A 50 19.73 28.98 0.88
CA PRO A 50 20.82 29.93 1.15
C PRO A 50 22.03 29.81 0.27
N GLU A 51 22.08 28.77 -0.55
CA GLU A 51 23.24 28.45 -1.36
C GLU A 51 22.81 27.77 -2.66
N GLY A 52 23.41 28.24 -3.76
CA GLY A 52 23.37 27.56 -5.10
C GLY A 52 23.61 28.53 -6.28
N ILE A 53 23.60 28.00 -7.51
CA ILE A 53 24.00 28.82 -8.66
C ILE A 53 22.85 29.41 -9.42
N LEU A 54 22.90 30.73 -9.64
CA LEU A 54 21.83 31.47 -10.36
C LEU A 54 22.14 31.42 -11.83
N LEU A 55 23.33 31.88 -12.20
CA LEU A 55 23.74 31.78 -13.59
C LEU A 55 25.22 31.85 -13.83
N PHE A 56 25.55 31.45 -15.05
CA PHE A 56 26.92 31.42 -15.60
C PHE A 56 26.92 32.16 -16.91
N ALA A 57 27.92 32.99 -17.12
CA ALA A 57 28.05 33.60 -18.43
C ALA A 57 29.50 33.66 -18.85
N GLY A 58 29.79 33.32 -20.09
CA GLY A 58 31.17 33.46 -20.59
C GLY A 58 31.48 32.43 -21.63
N GLY A 59 32.71 31.96 -21.63
CA GLY A 59 33.17 31.03 -22.64
C GLY A 59 33.14 29.62 -22.11
N HIS A 60 34.19 29.24 -21.41
CA HIS A 60 34.33 27.86 -20.99
C HIS A 60 35.38 27.67 -19.89
N GLN A 61 35.10 26.73 -18.99
CA GLN A 61 35.97 26.32 -17.89
C GLN A 61 37.29 27.08 -17.67
N ASP A 62 38.25 26.90 -18.57
CA ASP A 62 39.58 27.50 -18.37
C ASP A 62 39.82 28.57 -19.44
N SER A 63 39.05 29.64 -19.31
CA SER A 63 38.88 30.67 -20.30
C SER A 63 38.44 31.84 -19.44
N THR A 64 37.40 32.56 -19.81
CA THR A 64 36.97 33.69 -19.03
C THR A 64 35.46 33.73 -18.87
N TRP A 65 35.00 33.79 -17.60
CA TRP A 65 33.55 33.73 -17.30
C TRP A 65 33.21 34.34 -15.95
N ILE A 66 31.92 34.51 -15.69
CA ILE A 66 31.46 34.81 -14.37
C ILE A 66 30.43 33.78 -13.95
N VAL A 67 30.26 33.62 -12.66
CA VAL A 67 29.19 32.86 -12.09
C VAL A 67 28.62 33.65 -10.92
N LEU A 68 27.31 33.88 -10.96
CA LEU A 68 26.60 34.57 -9.89
C LEU A 68 25.91 33.49 -9.07
N ALA A 69 26.08 33.57 -7.74
CA ALA A 69 25.62 32.55 -6.83
C ALA A 69 25.13 33.05 -5.49
N LEU A 70 24.53 32.12 -4.75
CA LEU A 70 24.20 32.32 -3.35
C LEU A 70 25.12 31.47 -2.50
N ARG A 71 25.77 32.12 -1.52
CA ARG A 71 26.37 31.44 -0.35
C ARG A 71 25.88 32.10 0.95
N ALA A 72 25.36 31.31 1.89
CA ALA A 72 24.89 31.87 3.18
C ALA A 72 23.85 33.04 3.03
N GLY A 73 22.86 32.87 2.15
CA GLY A 73 21.79 33.86 1.94
C GLY A 73 22.19 35.08 1.12
N ARG A 74 23.48 35.21 0.77
CA ARG A 74 24.01 36.41 0.12
C ARG A 74 24.60 36.09 -1.23
N LEU A 75 24.63 37.09 -2.10
CA LEU A 75 25.15 36.96 -3.47
C LEU A 75 26.67 36.82 -3.44
N GLU A 76 27.18 35.93 -4.26
CA GLU A 76 28.61 35.69 -4.43
C GLU A 76 28.87 35.71 -5.92
N LEU A 77 29.78 36.57 -6.36
CA LEU A 77 30.29 36.52 -7.71
C LEU A 77 31.65 35.85 -7.77
N GLN A 78 31.80 34.90 -8.69
CA GLN A 78 33.10 34.37 -9.05
C GLN A 78 33.44 34.71 -10.52
N LEU A 79 34.71 35.03 -10.77
CA LEU A 79 35.21 35.42 -12.09
C LEU A 79 36.51 34.70 -12.37
N ARG A 80 36.73 34.33 -13.61
CA ARG A 80 38.04 33.87 -14.08
C ARG A 80 38.39 34.78 -15.26
N TYR A 81 39.48 35.55 -15.16
CA TYR A 81 39.93 36.39 -16.28
C TYR A 81 41.35 36.04 -16.67
N ASN A 82 41.46 35.47 -17.86
CA ASN A 82 42.72 34.92 -18.37
C ASN A 82 43.46 34.20 -17.26
N GLY A 83 43.03 32.98 -16.97
CA GLY A 83 43.74 32.11 -16.04
C GLY A 83 43.64 32.47 -14.56
N VAL A 84 43.30 33.70 -14.21
CA VAL A 84 43.31 34.11 -12.81
C VAL A 84 41.92 34.29 -12.22
N GLY A 85 41.63 33.53 -11.17
CA GLY A 85 40.31 33.45 -10.57
C GLY A 85 40.17 34.23 -9.28
N ARG A 86 38.94 34.65 -8.99
CA ARG A 86 38.63 35.57 -7.90
C ARG A 86 37.16 35.41 -7.44
N VAL A 87 36.89 35.70 -6.17
CA VAL A 87 35.52 35.66 -5.62
C VAL A 87 35.26 36.85 -4.70
N THR A 88 34.10 37.50 -4.86
CA THR A 88 33.61 38.49 -3.91
C THR A 88 32.23 38.07 -3.47
N SER A 89 31.78 38.66 -2.37
CA SER A 89 30.60 38.20 -1.65
C SER A 89 30.04 39.34 -0.84
N SER A 90 28.94 39.92 -1.30
CA SER A 90 28.50 41.21 -0.78
C SER A 90 26.99 41.42 -0.92
N GLY A 91 26.48 42.41 -0.20
CA GLY A 91 25.09 42.85 -0.34
C GLY A 91 24.12 42.22 0.65
N PRO A 92 22.83 42.54 0.50
CA PRO A 92 21.80 42.21 1.46
C PRO A 92 21.34 40.76 1.41
N VAL A 93 20.53 40.38 2.37
CA VAL A 93 20.02 39.02 2.40
C VAL A 93 19.05 38.81 1.23
N ILE A 94 19.15 37.65 0.61
CA ILE A 94 18.46 37.34 -0.66
C ILE A 94 17.37 36.29 -0.50
N ASN A 95 17.62 35.32 0.41
CA ASN A 95 16.76 34.16 0.54
C ASN A 95 15.64 34.30 1.56
N HIS A 96 14.85 35.36 1.39
CA HIS A 96 13.76 35.68 2.34
C HIS A 96 12.39 35.27 1.77
N GLY A 97 12.37 34.66 0.58
CA GLY A 97 11.11 34.22 -0.06
C GLY A 97 10.20 35.30 -0.67
N MET A 98 10.71 36.54 -0.71
CA MET A 98 10.08 37.65 -1.39
C MET A 98 10.74 37.88 -2.77
N TRP A 99 9.91 38.18 -3.76
CA TRP A 99 10.37 38.64 -5.07
C TRP A 99 11.28 39.89 -5.01
N GLN A 100 12.28 39.92 -5.89
CA GLN A 100 13.27 41.00 -5.98
C GLN A 100 13.98 40.90 -7.36
N THR A 101 14.47 42.05 -7.85
CA THR A 101 15.04 42.19 -9.20
C THR A 101 16.56 42.18 -9.05
N ILE A 102 17.20 41.34 -9.86
CA ILE A 102 18.66 41.26 -9.94
C ILE A 102 19.11 41.54 -11.38
N SER A 103 20.04 42.48 -11.49
CA SER A 103 20.66 42.86 -12.76
C SER A 103 22.13 42.50 -12.65
N VAL A 104 22.68 41.98 -13.76
CA VAL A 104 24.10 41.72 -13.93
C VAL A 104 24.48 42.41 -15.20
N GLU A 105 25.55 43.21 -15.19
CA GLU A 105 25.86 44.05 -16.36
C GLU A 105 27.35 44.36 -16.47
N GLU A 106 27.84 44.34 -17.71
CA GLU A 106 29.23 44.70 -18.05
C GLU A 106 29.22 46.16 -18.42
N LEU A 107 30.10 46.94 -17.78
CA LEU A 107 30.09 48.41 -17.85
C LEU A 107 31.52 48.96 -17.76
N ALA A 108 32.03 49.48 -18.88
CA ALA A 108 33.41 49.97 -19.01
C ALA A 108 34.42 48.85 -18.67
N ARG A 109 35.10 49.02 -17.53
CA ARG A 109 36.06 48.07 -17.01
C ARG A 109 35.53 47.48 -15.68
N ASN A 110 34.21 47.53 -15.51
CA ASN A 110 33.56 46.98 -14.34
C ASN A 110 32.44 45.97 -14.64
N LEU A 111 32.14 45.10 -13.68
CA LEU A 111 30.89 44.37 -13.64
C LEU A 111 30.04 44.89 -12.52
N VAL A 112 28.77 45.13 -12.81
CA VAL A 112 27.87 45.74 -11.86
C VAL A 112 26.69 44.86 -11.55
N ILE A 113 26.58 44.46 -10.28
CA ILE A 113 25.46 43.67 -9.78
C ILE A 113 24.56 44.53 -8.94
N LYS A 114 23.28 44.56 -9.30
CA LYS A 114 22.30 45.40 -8.62
C LYS A 114 21.16 44.57 -8.07
N VAL A 115 20.73 44.89 -6.87
CA VAL A 115 19.52 44.33 -6.29
C VAL A 115 18.48 45.45 -6.09
N ASN A 116 17.24 45.20 -6.49
CA ASN A 116 16.16 46.23 -6.58
C ASN A 116 16.60 47.61 -7.04
N ARG A 117 17.46 47.61 -8.06
CA ARG A 117 18.07 48.78 -8.68
C ARG A 117 19.19 49.42 -7.84
N ASP A 118 19.48 48.86 -6.65
CA ASP A 118 20.66 49.25 -5.87
C ASP A 118 21.87 48.46 -6.30
N ALA A 119 22.93 49.15 -6.73
CA ALA A 119 24.23 48.53 -6.94
C ALA A 119 24.78 47.97 -5.61
N VAL A 120 24.92 46.66 -5.51
CA VAL A 120 25.50 46.02 -4.33
C VAL A 120 26.84 45.34 -4.59
N MET A 121 27.36 45.43 -5.81
CA MET A 121 28.67 44.87 -6.13
C MET A 121 29.17 45.45 -7.44
N LYS A 122 30.44 45.81 -7.48
CA LYS A 122 31.02 46.55 -8.60
C LYS A 122 32.48 46.14 -8.61
N ILE A 123 32.90 45.40 -9.62
CA ILE A 123 34.27 44.86 -9.62
C ILE A 123 35.00 45.20 -10.88
N ALA A 124 36.25 45.58 -10.71
CA ALA A 124 37.09 45.97 -11.84
C ALA A 124 37.54 44.71 -12.52
N VAL A 125 37.55 44.72 -13.83
CA VAL A 125 38.03 43.59 -14.62
C VAL A 125 38.81 44.06 -15.85
N ALA A 126 39.75 43.22 -16.26
CA ALA A 126 40.51 43.42 -17.50
C ALA A 126 40.16 42.35 -18.55
N GLY A 127 39.18 42.68 -19.41
CA GLY A 127 38.73 41.80 -20.48
C GLY A 127 37.24 41.87 -20.77
N ASP A 128 36.81 41.22 -21.83
CA ASP A 128 35.38 41.11 -22.15
C ASP A 128 34.86 39.70 -22.02
N LEU A 129 33.58 39.58 -21.66
CA LEU A 129 32.95 38.28 -21.58
C LEU A 129 32.69 37.67 -22.97
N PHE A 130 32.16 38.46 -23.88
CA PHE A 130 32.04 38.02 -25.27
C PHE A 130 33.41 37.77 -25.85
N GLN A 131 33.55 36.70 -26.65
CA GLN A 131 34.86 36.29 -27.17
C GLN A 131 34.79 36.53 -28.66
N PRO A 132 35.56 37.52 -29.15
CA PRO A 132 35.65 37.71 -30.58
C PRO A 132 36.30 36.54 -31.29
N GLU A 133 35.70 36.17 -32.41
CA GLU A 133 36.30 35.29 -33.39
C GLU A 133 35.82 35.68 -34.80
N ARG A 134 36.74 35.98 -35.71
CA ARG A 134 36.35 36.20 -37.12
C ARG A 134 35.46 37.42 -37.30
N GLY A 135 35.45 38.35 -36.36
CA GLY A 135 34.39 39.40 -36.33
C GLY A 135 33.02 38.90 -35.84
N LEU A 136 32.95 37.63 -35.39
CA LEU A 136 31.83 37.06 -34.66
C LEU A 136 32.12 37.12 -33.16
N TYR A 137 31.12 37.56 -32.42
CA TYR A 137 31.25 37.72 -30.99
C TYR A 137 30.39 36.62 -30.28
N HIS A 138 31.04 35.77 -29.46
CA HIS A 138 30.40 34.54 -28.86
C HIS A 138 30.23 34.63 -27.38
N LEU A 139 29.10 34.17 -26.89
CA LEU A 139 28.90 34.00 -25.44
C LEU A 139 27.94 32.84 -25.16
N ASN A 140 28.22 32.14 -24.07
CA ASN A 140 27.38 31.10 -23.57
C ASN A 140 26.79 31.61 -22.31
N LEU A 141 25.54 31.34 -22.05
CA LEU A 141 24.96 31.62 -20.78
C LEU A 141 24.09 30.40 -20.32
N THR A 142 24.27 30.01 -19.06
CA THR A 142 23.43 28.98 -18.41
C THR A 142 22.73 29.49 -17.11
N VAL A 143 21.51 29.03 -16.90
CA VAL A 143 20.71 29.41 -15.79
C VAL A 143 20.53 28.23 -14.84
N GLY A 144 20.78 28.43 -13.57
CA GLY A 144 20.36 27.44 -12.58
C GLY A 144 21.48 26.46 -12.38
N GLY A 145 22.53 26.59 -13.19
CA GLY A 145 23.79 25.85 -12.99
C GLY A 145 24.93 26.27 -13.90
N ILE A 146 25.99 25.48 -13.95
CA ILE A 146 27.19 25.81 -14.74
C ILE A 146 27.42 24.71 -15.75
N PRO A 147 28.15 24.98 -16.87
CA PRO A 147 28.33 23.96 -17.87
C PRO A 147 29.51 23.01 -17.63
N PHE A 148 30.13 23.04 -16.45
CA PHE A 148 31.25 22.16 -16.13
C PHE A 148 31.19 21.67 -14.66
N HIS A 149 32.00 20.70 -14.25
CA HIS A 149 31.88 20.14 -12.88
C HIS A 149 32.32 21.20 -11.85
N GLU A 150 31.59 21.31 -10.74
CA GLU A 150 31.84 22.36 -9.74
C GLU A 150 33.20 22.25 -9.00
N LYS A 151 33.85 21.10 -9.10
CA LYS A 151 35.27 20.97 -8.78
C LYS A 151 35.96 22.28 -9.12
N ASP A 152 35.89 22.63 -10.41
CA ASP A 152 36.82 23.56 -11.03
C ASP A 152 36.36 25.02 -11.01
N LEU A 153 35.37 25.36 -10.17
CA LEU A 153 35.09 26.76 -9.84
C LEU A 153 36.28 27.32 -9.11
N VAL A 154 36.35 28.63 -9.01
CA VAL A 154 37.38 29.25 -8.21
C VAL A 154 37.26 28.71 -6.79
N GLN A 155 36.03 28.62 -6.30
CA GLN A 155 35.75 28.18 -4.96
C GLN A 155 34.58 27.20 -4.97
N PRO A 156 34.79 25.96 -4.53
CA PRO A 156 33.70 25.00 -4.74
C PRO A 156 32.39 25.36 -4.02
N ILE A 157 31.29 24.78 -4.48
CA ILE A 157 29.97 25.13 -3.96
C ILE A 157 28.97 24.07 -4.34
N ASN A 158 27.91 23.95 -3.54
CA ASN A 158 26.81 23.07 -3.91
C ASN A 158 25.80 23.92 -4.69
N PRO A 159 25.67 23.66 -5.98
CA PRO A 159 24.93 24.53 -6.86
C PRO A 159 23.42 24.28 -6.89
N ARG A 160 22.94 23.21 -6.25
CA ARG A 160 21.51 22.92 -6.22
C ARG A 160 20.77 24.12 -5.62
N LEU A 161 19.82 24.70 -6.37
CA LEU A 161 19.18 25.99 -5.95
C LEU A 161 17.68 25.89 -6.13
N ASP A 162 16.99 25.69 -4.99
CA ASP A 162 15.55 25.57 -4.97
C ASP A 162 14.98 26.99 -5.03
N GLY A 163 15.02 27.61 -6.20
CA GLY A 163 14.78 29.05 -6.35
C GLY A 163 14.02 29.25 -7.62
N CYS A 164 13.59 30.48 -7.87
CA CYS A 164 12.63 30.73 -8.90
C CYS A 164 12.97 32.04 -9.65
N MET A 165 12.80 32.05 -10.97
CA MET A 165 12.92 33.26 -11.76
C MET A 165 11.64 33.65 -12.48
N ARG A 166 11.43 34.97 -12.62
CA ARG A 166 10.43 35.45 -13.58
C ARG A 166 10.86 36.75 -14.27
N SER A 167 10.16 37.11 -15.35
CA SER A 167 10.39 38.38 -16.07
C SER A 167 11.85 38.55 -16.36
N TRP A 168 12.45 37.54 -16.97
CA TRP A 168 13.86 37.56 -17.26
C TRP A 168 14.06 38.33 -18.56
N ASN A 169 15.28 38.85 -18.70
CA ASN A 169 15.73 39.43 -19.91
C ASN A 169 17.24 39.23 -20.12
N TRP A 170 17.60 38.51 -21.18
CA TRP A 170 19.00 38.23 -21.52
C TRP A 170 19.33 39.07 -22.73
N LEU A 171 20.30 39.98 -22.58
CA LEU A 171 20.80 40.80 -23.70
C LEU A 171 19.74 41.60 -24.51
N ASN A 172 18.62 41.89 -23.86
CA ASN A 172 17.44 42.57 -24.43
C ASN A 172 16.90 41.92 -25.66
N GLY A 173 17.03 40.60 -25.77
CA GLY A 173 16.51 39.90 -26.89
C GLY A 173 15.02 39.74 -26.79
N GLU A 174 14.38 39.47 -27.92
CA GLU A 174 12.93 39.32 -27.98
C GLU A 174 12.53 37.86 -28.18
N ASP A 175 13.43 36.92 -27.94
CA ASP A 175 13.07 35.52 -28.10
C ASP A 175 12.20 35.04 -26.93
N THR A 176 11.14 34.34 -27.28
CA THR A 176 10.07 33.99 -26.38
C THR A 176 10.02 32.47 -26.22
N THR A 177 11.12 31.78 -26.55
CA THR A 177 11.19 30.32 -26.50
C THR A 177 11.08 29.82 -25.08
N ILE A 178 11.79 30.44 -24.15
CA ILE A 178 11.75 29.98 -22.79
C ILE A 178 10.31 29.98 -22.22
N GLN A 179 9.61 31.09 -22.43
CA GLN A 179 8.23 31.31 -21.91
C GLN A 179 7.30 30.27 -22.51
N GLU A 180 7.33 30.13 -23.83
CA GLU A 180 6.52 29.13 -24.50
C GLU A 180 6.72 27.69 -23.98
N THR A 181 7.94 27.28 -23.62
CA THR A 181 8.14 25.86 -23.28
C THR A 181 7.91 25.58 -21.82
N VAL A 182 8.16 26.58 -20.98
CA VAL A 182 7.73 26.51 -19.58
C VAL A 182 6.22 26.32 -19.50
N LYS A 183 5.51 27.08 -20.34
CA LYS A 183 4.04 27.07 -20.39
C LYS A 183 3.50 25.62 -20.49
N VAL A 184 4.19 24.81 -21.28
CA VAL A 184 3.73 23.50 -21.71
C VAL A 184 4.32 22.38 -20.85
N ASN A 185 5.14 22.72 -19.87
CA ASN A 185 5.80 21.76 -19.02
C ASN A 185 5.68 22.27 -17.60
N THR A 186 4.55 21.99 -16.97
CA THR A 186 4.32 22.36 -15.56
C THR A 186 5.51 22.08 -14.60
N ARG A 187 6.27 21.04 -14.88
CA ARG A 187 7.45 20.64 -14.08
C ARG A 187 8.53 21.72 -14.06
N MET A 188 8.50 22.61 -15.05
CA MET A 188 9.43 23.70 -15.14
C MET A 188 8.91 24.97 -14.42
N GLN A 189 7.66 24.95 -13.98
CA GLN A 189 7.02 26.09 -13.27
C GLN A 189 7.18 25.94 -11.76
N CYS A 190 7.23 27.07 -11.05
CA CYS A 190 7.32 27.09 -9.57
C CYS A 190 5.96 27.12 -8.83
N PHE A 191 5.93 26.60 -7.60
CA PHE A 191 4.80 26.88 -6.72
C PHE A 191 4.37 28.35 -6.86
N SER A 192 3.08 28.58 -7.06
CA SER A 192 2.58 29.98 -7.02
C SER A 192 3.01 30.65 -5.75
N VAL A 193 2.87 29.94 -4.63
CA VAL A 193 3.18 30.47 -3.33
C VAL A 193 4.05 29.46 -2.56
N THR A 194 5.15 29.92 -1.99
CA THR A 194 6.00 29.11 -1.14
C THR A 194 6.07 29.63 0.31
N GLU A 195 6.06 28.71 1.26
CA GLU A 195 6.49 29.01 2.63
C GLU A 195 7.62 28.06 3.02
N ARG A 196 8.18 28.26 4.22
CA ARG A 196 9.43 27.63 4.60
C ARG A 196 9.34 26.16 4.97
N GLY A 197 10.43 25.45 4.70
CA GLY A 197 10.57 24.04 5.07
C GLY A 197 10.89 23.26 3.83
N SER A 198 10.65 21.97 3.88
CA SER A 198 10.84 21.10 2.80
C SER A 198 9.56 20.32 2.59
N PHE A 199 9.16 20.07 1.33
CA PHE A 199 7.92 19.34 1.06
C PHE A 199 8.15 17.92 0.66
N TYR A 200 7.40 17.03 1.32
CA TYR A 200 7.44 15.61 1.09
C TYR A 200 6.07 15.14 0.57
N PRO A 201 5.95 14.88 -0.75
CA PRO A 201 4.65 14.47 -1.32
C PRO A 201 4.26 13.06 -0.95
N GLY A 202 5.20 12.30 -0.44
CA GLY A 202 4.87 11.04 0.21
C GLY A 202 5.22 9.89 -0.71
N SER A 203 6.21 10.10 -1.56
CA SER A 203 6.63 9.04 -2.46
C SER A 203 8.11 8.59 -2.26
N GLY A 204 8.78 9.04 -1.20
CA GLY A 204 10.24 8.81 -1.05
C GLY A 204 10.84 9.52 0.15
N PHE A 205 12.16 9.46 0.29
CA PHE A 205 12.83 9.86 1.48
C PHE A 205 14.13 10.48 1.04
N ALA A 206 14.80 11.08 2.03
CA ALA A 206 16.21 11.39 1.92
C ALA A 206 16.99 10.67 3.03
N PHE A 207 18.27 10.37 2.80
CA PHE A 207 19.13 9.87 3.84
C PHE A 207 20.47 10.54 3.93
N TYR A 208 21.07 10.42 5.12
CA TYR A 208 22.36 11.01 5.43
C TYR A 208 23.20 10.03 6.20
N SER A 209 24.48 10.34 6.24
CA SER A 209 25.47 9.61 7.01
C SER A 209 25.95 10.44 8.22
N LEU A 210 25.36 10.22 9.39
CA LEU A 210 25.65 11.07 10.54
C LEU A 210 26.18 10.23 11.65
N ASP A 211 27.16 10.75 12.36
CA ASP A 211 27.71 10.09 13.56
C ASP A 211 26.94 10.53 14.80
N TYR A 212 26.62 9.59 15.68
CA TYR A 212 25.95 9.93 16.92
C TYR A 212 26.78 9.55 18.20
N MET A 213 28.08 9.26 18.05
CA MET A 213 28.92 8.78 19.20
C MET A 213 29.71 9.91 19.83
N THR A 224 30.12 7.79 25.39
CA THR A 224 28.67 7.97 25.32
C THR A 224 28.23 8.54 23.94
N TRP A 225 26.93 8.66 23.78
CA TRP A 225 26.30 8.86 22.48
C TRP A 225 25.14 9.79 22.69
N GLU A 226 24.50 10.18 21.61
CA GLU A 226 23.51 11.23 21.69
C GLU A 226 22.64 11.26 20.44
N VAL A 227 21.33 11.26 20.61
CA VAL A 227 20.46 11.62 19.52
C VAL A 227 19.48 12.71 19.94
N GLU A 228 19.56 13.87 19.31
CA GLU A 228 18.55 14.93 19.49
C GLU A 228 17.97 15.32 18.16
N VAL A 229 16.65 15.34 18.06
CA VAL A 229 15.99 15.77 16.86
C VAL A 229 14.91 16.77 17.20
N VAL A 230 14.91 17.88 16.47
CA VAL A 230 13.79 18.77 16.48
C VAL A 230 13.17 18.78 15.12
N ALA A 231 11.89 18.52 15.04
CA ALA A 231 11.21 18.50 13.81
C ALA A 231 10.07 19.50 13.79
N HIS A 232 10.07 20.41 12.84
CA HIS A 232 8.91 21.28 12.60
C HIS A 232 8.08 20.78 11.47
N ILE A 233 6.84 20.40 11.77
CA ILE A 233 5.97 19.76 10.82
C ILE A 233 4.56 20.35 10.64
N ARG A 234 4.11 20.35 9.39
CA ARG A 234 2.77 20.68 9.04
C ARG A 234 2.35 19.56 8.05
N PRO A 235 1.69 18.53 8.55
CA PRO A 235 1.39 17.32 7.80
C PRO A 235 0.17 17.36 6.89
N ALA A 236 0.18 16.51 5.86
CA ALA A 236 -0.98 16.28 5.02
C ALA A 236 -1.74 15.01 5.41
N ALA A 237 -1.06 14.09 6.10
CA ALA A 237 -1.62 12.77 6.39
C ALA A 237 -1.35 12.38 7.83
N ASP A 238 -2.21 11.54 8.37
CA ASP A 238 -2.11 11.09 9.74
C ASP A 238 -1.05 10.01 10.01
N THR A 239 -0.32 9.59 8.99
CA THR A 239 0.62 8.50 9.12
C THR A 239 1.90 8.84 8.33
N GLY A 240 3.04 8.34 8.79
CA GLY A 240 4.30 8.60 8.08
C GLY A 240 5.51 8.71 9.01
N VAL A 241 6.66 8.24 8.50
CA VAL A 241 7.89 8.30 9.21
C VAL A 241 8.49 9.68 9.03
N LEU A 242 8.80 10.30 10.15
CA LEU A 242 9.45 11.62 10.12
C LEU A 242 10.94 11.49 10.09
N PHE A 243 11.47 10.74 11.06
CA PHE A 243 12.90 10.57 11.18
C PHE A 243 13.16 9.16 11.60
N ALA A 244 14.27 8.58 11.12
CA ALA A 244 14.60 7.24 11.56
C ALA A 244 16.04 6.88 11.33
N LEU A 245 16.55 5.98 12.14
CA LEU A 245 17.84 5.37 11.83
C LEU A 245 17.65 3.98 11.25
N TRP A 246 18.55 3.60 10.35
CA TRP A 246 18.45 2.28 9.76
C TRP A 246 19.83 1.70 9.67
N ALA A 247 19.96 0.51 10.26
CA ALA A 247 21.21 -0.23 10.30
C ALA A 247 21.21 -1.29 9.18
N PRO A 248 21.82 -0.99 8.00
CA PRO A 248 21.72 -1.90 6.82
C PRO A 248 22.09 -3.37 7.08
N ASP A 249 23.25 -3.61 7.68
CA ASP A 249 23.77 -4.98 7.93
C ASP A 249 22.76 -5.88 8.66
N LEU A 250 22.14 -5.41 9.75
CA LEU A 250 21.09 -6.22 10.41
C LEU A 250 19.65 -6.00 9.88
N ARG A 251 19.47 -5.19 8.86
CA ARG A 251 18.14 -4.80 8.37
C ARG A 251 17.17 -4.52 9.54
N ALA A 252 17.60 -3.64 10.43
CA ALA A 252 16.85 -3.22 11.61
C ALA A 252 16.64 -1.69 11.60
N VAL A 253 15.67 -1.23 12.40
CA VAL A 253 15.32 0.19 12.56
C VAL A 253 15.47 0.54 14.02
N PRO A 254 16.68 0.89 14.42
CA PRO A 254 17.02 1.10 15.81
C PRO A 254 16.34 2.30 16.41
N LEU A 255 15.94 3.25 15.59
CA LEU A 255 15.18 4.35 16.16
C LEU A 255 14.27 4.95 15.14
N SER A 256 13.05 5.30 15.55
CA SER A 256 12.15 6.02 14.66
C SER A 256 11.25 6.96 15.41
N VAL A 257 10.90 8.05 14.74
CA VAL A 257 9.89 8.99 15.23
C VAL A 257 8.86 9.17 14.14
N ALA A 258 7.59 8.97 14.44
CA ALA A 258 6.60 8.88 13.37
C ALA A 258 5.21 9.28 13.78
N LEU A 259 4.40 9.61 12.80
CA LEU A 259 2.99 9.84 13.03
C LEU A 259 2.24 8.54 12.76
N VAL A 260 1.27 8.21 13.61
CA VAL A 260 0.45 7.01 13.45
C VAL A 260 -0.95 7.24 14.02
N ASP A 261 -1.92 6.43 13.56
CA ASP A 261 -3.19 6.13 14.31
C ASP A 261 -3.14 4.77 15.01
N GLN A 271 -4.81 9.90 16.97
CA GLN A 271 -3.76 10.63 16.23
C GLN A 271 -2.50 10.91 17.09
N LEU A 272 -1.41 10.21 16.82
CA LEU A 272 -0.30 10.18 17.76
C LEU A 272 1.06 10.35 17.11
N VAL A 273 2.03 10.73 17.92
CA VAL A 273 3.42 10.65 17.54
C VAL A 273 3.99 9.54 18.38
N VAL A 274 4.87 8.73 17.77
CA VAL A 274 5.47 7.59 18.45
C VAL A 274 6.95 7.72 18.35
N LEU A 275 7.64 7.44 19.44
CA LEU A 275 9.07 7.41 19.44
C LEU A 275 9.38 5.97 19.73
N ALA A 276 10.21 5.34 18.91
CA ALA A 276 10.40 3.87 19.00
C ALA A 276 11.79 3.40 18.82
N VAL A 277 12.06 2.23 19.41
CA VAL A 277 13.33 1.53 19.23
C VAL A 277 13.05 0.12 18.62
N GLU A 278 13.46 -0.11 17.39
CA GLU A 278 12.93 -1.25 16.68
C GLU A 278 11.42 -1.16 16.77
N HIS A 279 10.76 -2.24 17.15
CA HIS A 279 9.31 -2.28 17.18
C HIS A 279 8.68 -1.66 18.47
N THR A 280 9.43 -1.48 19.55
CA THR A 280 8.76 -1.09 20.78
C THR A 280 8.74 0.44 20.92
N ALA A 281 7.52 0.94 21.10
CA ALA A 281 7.23 2.34 21.38
C ALA A 281 7.72 2.68 22.77
N LEU A 282 8.56 3.69 22.91
CA LEU A 282 9.00 4.19 24.25
C LEU A 282 8.08 5.23 24.79
N ALA A 283 7.57 6.06 23.90
CA ALA A 283 6.65 7.13 24.28
C ALA A 283 5.67 7.44 23.14
N LEU A 284 4.49 7.94 23.56
CA LEU A 284 3.47 8.49 22.69
C LEU A 284 3.00 9.89 23.16
N MET A 285 2.66 10.75 22.20
CA MET A 285 2.05 12.05 22.49
C MET A 285 0.95 12.22 21.45
N GLU A 286 -0.19 12.76 21.85
CA GLU A 286 -1.31 13.08 20.96
C GLU A 286 -0.94 14.30 20.18
N ILE A 287 -1.54 14.43 19.00
CA ILE A 287 -1.24 15.55 18.15
C ILE A 287 -2.42 15.78 17.26
N LYS A 288 -2.71 17.03 16.94
CA LYS A 288 -3.75 17.39 15.99
C LYS A 288 -3.14 17.45 14.60
N VAL A 289 -2.84 16.28 14.05
CA VAL A 289 -2.25 16.14 12.71
C VAL A 289 -3.07 16.75 11.56
N CYS A 290 -4.40 16.70 11.71
CA CYS A 290 -5.33 16.97 10.61
C CYS A 290 -5.91 18.37 10.61
N ASP A 291 -5.25 19.32 11.27
CA ASP A 291 -5.78 20.71 11.39
C ASP A 291 -5.01 21.78 10.58
N GLY A 292 -3.95 21.35 9.90
CA GLY A 292 -3.19 22.22 8.98
C GLY A 292 -2.23 23.15 9.69
N GLN A 293 -2.10 22.92 10.99
CA GLN A 293 -1.28 23.77 11.84
C GLN A 293 0.09 23.14 11.90
N GLU A 294 1.09 24.03 12.06
CA GLU A 294 2.47 23.69 12.34
C GLU A 294 2.59 23.11 13.75
N HIS A 295 3.52 22.18 13.95
CA HIS A 295 3.79 21.59 15.24
C HIS A 295 5.28 21.36 15.31
N VAL A 296 5.79 21.27 16.52
CA VAL A 296 7.20 21.10 16.82
C VAL A 296 7.37 19.82 17.60
N VAL A 297 8.08 18.83 17.03
CA VAL A 297 8.25 17.55 17.72
C VAL A 297 9.71 17.41 18.12
N THR A 298 9.99 17.16 19.37
CA THR A 298 11.39 17.07 19.73
C THR A 298 11.66 15.78 20.49
N VAL A 299 12.84 15.25 20.29
CA VAL A 299 13.13 13.97 20.83
C VAL A 299 14.54 14.04 21.26
N SER A 300 14.80 13.41 22.36
CA SER A 300 16.07 13.55 23.02
C SER A 300 16.40 12.21 23.62
N LEU A 301 17.50 11.60 23.19
CA LEU A 301 17.95 10.45 23.94
C LEU A 301 19.45 10.27 24.08
N ARG A 302 19.80 9.61 25.18
CA ARG A 302 21.16 9.48 25.68
C ARG A 302 21.13 8.40 26.74
N ASP A 303 22.27 8.19 27.38
CA ASP A 303 22.39 7.07 28.33
C ASP A 303 21.33 7.13 29.49
N GLY A 304 20.46 6.13 29.55
CA GLY A 304 19.40 6.09 30.57
C GLY A 304 18.39 7.23 30.48
N GLU A 305 18.20 7.81 29.30
CA GLU A 305 17.18 8.85 29.11
C GLU A 305 16.56 8.79 27.69
N ALA A 306 15.23 8.91 27.61
CA ALA A 306 14.52 9.09 26.39
C ALA A 306 13.31 9.97 26.57
N THR A 307 13.20 11.05 25.80
CA THR A 307 12.02 11.91 25.95
C THR A 307 11.42 12.41 24.61
N LEU A 308 10.11 12.54 24.59
CA LEU A 308 9.35 13.00 23.46
C LEU A 308 8.51 14.16 23.90
N GLU A 309 8.60 15.25 23.14
CA GLU A 309 7.83 16.45 23.33
C GLU A 309 7.08 16.75 22.09
N VAL A 310 5.86 17.21 22.27
CA VAL A 310 5.11 17.83 21.19
C VAL A 310 4.59 19.21 21.67
N ASP A 311 5.18 20.27 21.11
CA ASP A 311 4.82 21.67 21.42
C ASP A 311 4.97 22.03 22.92
N GLY A 312 6.02 21.51 23.56
CA GLY A 312 6.30 21.86 24.92
C GLY A 312 5.76 20.86 25.93
N THR A 313 4.82 20.00 25.54
CA THR A 313 4.27 19.00 26.49
C THR A 313 4.95 17.66 26.24
N ARG A 314 5.21 16.92 27.32
CA ARG A 314 5.89 15.64 27.25
C ARG A 314 4.91 14.50 27.22
N GLY A 315 5.18 13.52 26.36
CA GLY A 315 4.40 12.28 26.32
C GLY A 315 4.71 11.29 27.45
N GLN A 316 3.73 10.45 27.78
CA GLN A 316 3.92 9.46 28.83
C GLN A 316 4.82 8.35 28.31
N SER A 317 5.68 7.83 29.19
CA SER A 317 6.47 6.62 28.92
C SER A 317 5.51 5.48 28.68
N GLU A 318 5.86 4.59 27.74
CA GLU A 318 5.05 3.45 27.38
C GLU A 318 5.73 2.21 27.94
N VAL A 319 6.88 2.40 28.56
CA VAL A 319 7.67 1.28 29.03
C VAL A 319 8.17 1.44 30.48
N SER A 320 8.44 0.31 31.13
CA SER A 320 9.00 0.38 32.49
C SER A 320 10.42 0.90 32.40
N ALA A 321 10.92 1.43 33.51
CA ALA A 321 12.34 1.76 33.71
C ALA A 321 13.28 0.62 33.32
N ALA A 322 12.88 -0.59 33.67
CA ALA A 322 13.64 -1.78 33.30
C ALA A 322 13.70 -2.03 31.77
N GLN A 323 12.57 -1.85 31.07
CA GLN A 323 12.51 -2.10 29.61
C GLN A 323 13.22 -1.00 28.84
N LEU A 324 13.20 0.22 29.36
CA LEU A 324 13.93 1.34 28.77
C LEU A 324 15.43 0.99 28.70
N GLN A 325 16.03 0.64 29.82
CA GLN A 325 17.46 0.35 29.83
C GLN A 325 17.76 -0.73 28.81
N GLU A 326 16.89 -1.74 28.72
CA GLU A 326 17.05 -2.80 27.70
C GLU A 326 17.00 -2.19 26.30
N ARG A 327 16.05 -1.30 26.07
CA ARG A 327 15.88 -0.69 24.73
C ARG A 327 17.01 0.26 24.43
N LEU A 328 17.37 1.11 25.39
CA LEU A 328 18.43 2.07 25.14
C LEU A 328 19.78 1.39 24.94
N ALA A 329 19.98 0.26 25.58
CA ALA A 329 21.22 -0.48 25.48
C ALA A 329 21.32 -1.17 24.12
N VAL A 330 20.22 -1.70 23.61
CA VAL A 330 20.14 -2.15 22.19
C VAL A 330 20.43 -1.02 21.16
N LEU A 331 19.85 0.14 21.38
CA LEU A 331 20.11 1.32 20.53
C LEU A 331 21.58 1.71 20.60
N GLU A 332 22.11 1.76 21.83
CA GLU A 332 23.55 1.99 22.08
C GLU A 332 24.43 1.02 21.27
N ARG A 333 24.15 -0.28 21.38
CA ARG A 333 24.83 -1.30 20.58
C ARG A 333 24.75 -0.91 19.12
N HIS A 334 23.53 -0.66 18.63
CA HIS A 334 23.34 -0.34 17.21
C HIS A 334 24.17 0.86 16.74
N LEU A 335 24.33 1.86 17.59
CA LEU A 335 25.01 3.08 17.14
C LEU A 335 26.52 2.90 16.97
N ARG A 336 27.07 1.75 17.38
CA ARG A 336 28.52 1.50 17.28
C ARG A 336 28.90 1.07 15.89
N SER A 337 27.91 0.63 15.14
CA SER A 337 28.10 0.23 13.76
C SER A 337 27.47 1.30 12.86
N PRO A 338 27.62 1.14 11.53
CA PRO A 338 27.09 2.19 10.65
C PRO A 338 25.56 2.21 10.68
N VAL A 339 24.99 3.43 10.70
CA VAL A 339 23.58 3.63 10.54
C VAL A 339 23.39 4.75 9.58
N LEU A 340 22.31 4.72 8.83
CA LEU A 340 21.93 5.80 7.95
C LEU A 340 20.76 6.48 8.60
N THR A 341 20.71 7.77 8.39
CA THR A 341 19.68 8.56 8.95
C THR A 341 18.68 8.93 7.92
N PHE A 342 17.44 8.58 8.13
CA PHE A 342 16.44 8.77 7.11
C PHE A 342 15.45 9.83 7.53
N ALA A 343 15.07 10.71 6.59
CA ALA A 343 14.00 11.69 6.73
C ALA A 343 12.83 11.43 5.79
N GLY A 344 11.61 11.37 6.32
CA GLY A 344 10.43 11.30 5.49
C GLY A 344 9.95 9.90 5.09
N GLY A 345 10.70 8.86 5.42
CA GLY A 345 10.33 7.51 5.10
C GLY A 345 11.46 6.51 5.39
N LEU A 346 11.24 5.22 5.09
CA LEU A 346 12.17 4.14 5.26
C LEU A 346 12.31 3.28 3.96
N PRO A 347 13.40 2.53 3.78
CA PRO A 347 13.60 1.82 2.50
C PRO A 347 12.90 0.48 2.47
N ASP A 348 11.60 0.51 2.33
CA ASP A 348 10.83 -0.71 2.23
C ASP A 348 11.22 -1.85 3.21
N VAL A 349 11.20 -1.52 4.49
CA VAL A 349 11.70 -2.39 5.51
C VAL A 349 10.66 -3.39 5.98
N PRO A 350 11.07 -4.37 6.77
CA PRO A 350 10.04 -5.26 7.19
C PRO A 350 8.95 -4.60 8.02
N VAL A 351 7.73 -4.97 7.72
CA VAL A 351 6.61 -4.44 8.41
C VAL A 351 6.76 -4.59 9.95
N THR A 352 7.47 -5.62 10.39
CA THR A 352 7.65 -5.85 11.82
C THR A 352 8.86 -5.09 12.46
N SER A 353 9.57 -4.31 11.66
CA SER A 353 10.79 -3.63 12.07
C SER A 353 10.62 -2.45 13.00
N ALA A 354 9.48 -1.78 12.83
CA ALA A 354 9.21 -0.47 13.40
C ALA A 354 7.70 -0.33 13.41
N PRO A 355 7.14 0.56 14.28
CA PRO A 355 5.68 0.82 14.30
C PRO A 355 5.08 1.34 13.00
N VAL A 356 5.79 2.19 12.30
CA VAL A 356 5.25 2.87 11.15
C VAL A 356 6.32 2.73 10.06
N THR A 357 5.93 2.39 8.84
CA THR A 357 6.93 2.28 7.80
C THR A 357 6.59 3.08 6.61
N ALA A 358 5.45 3.74 6.65
CA ALA A 358 4.95 4.57 5.56
C ALA A 358 5.71 5.86 5.37
N PHE A 359 5.62 6.41 4.18
CA PHE A 359 6.17 7.72 3.88
C PHE A 359 5.42 8.84 4.53
N TYR A 360 6.12 9.92 4.88
CA TYR A 360 5.53 11.18 5.32
C TYR A 360 4.99 11.92 4.13
N ARG A 361 3.86 12.57 4.33
CA ARG A 361 3.33 13.54 3.40
C ARG A 361 3.25 14.84 4.18
N GLY A 362 3.95 15.86 3.71
CA GLY A 362 3.68 17.22 4.20
C GLY A 362 4.90 18.07 4.26
N CYS A 363 4.85 19.12 5.06
CA CYS A 363 5.96 20.01 5.21
C CYS A 363 6.77 19.63 6.46
N MET A 364 8.10 19.69 6.36
CA MET A 364 8.97 19.37 7.50
C MET A 364 10.38 19.93 7.40
N THR A 365 10.86 20.44 8.51
CA THR A 365 12.23 20.84 8.69
C THR A 365 12.81 20.08 9.87
N LEU A 366 14.06 19.67 9.74
CA LEU A 366 14.67 18.76 10.72
C LEU A 366 15.96 19.32 11.12
N GLU A 367 16.22 19.21 12.41
CA GLU A 367 17.51 19.55 12.92
C GLU A 367 17.95 18.38 13.81
N VAL A 368 19.20 17.94 13.69
CA VAL A 368 19.68 16.67 14.33
C VAL A 368 20.98 16.98 14.98
N ASN A 369 21.12 16.57 16.24
CA ASN A 369 22.24 17.00 17.10
C ASN A 369 22.60 18.45 16.85
N ARG A 370 21.55 19.27 16.84
CA ARG A 370 21.67 20.73 16.83
C ARG A 370 22.19 21.26 15.51
N ARG A 371 22.02 20.52 14.42
CA ARG A 371 22.39 20.98 13.06
C ARG A 371 21.19 20.93 12.14
N LEU A 372 20.82 22.05 11.57
CA LEU A 372 19.82 22.07 10.53
C LEU A 372 20.25 21.14 9.39
N LEU A 373 19.37 20.26 8.93
CA LEU A 373 19.69 19.40 7.81
C LEU A 373 19.32 20.10 6.57
N ASP A 374 20.27 20.30 5.71
CA ASP A 374 20.01 20.83 4.37
C ASP A 374 19.81 19.64 3.38
N LEU A 375 18.65 19.57 2.75
CA LEU A 375 18.32 18.45 1.93
C LEU A 375 19.13 18.45 0.63
N ASP A 376 19.66 19.60 0.20
CA ASP A 376 20.65 19.65 -0.89
C ASP A 376 21.92 18.86 -0.55
N GLU A 377 22.12 18.49 0.70
CA GLU A 377 23.37 17.85 1.13
C GLU A 377 23.12 16.40 1.49
N ALA A 378 21.94 15.88 1.27
CA ALA A 378 21.74 14.48 1.57
C ALA A 378 22.65 13.60 0.70
N ALA A 379 22.94 12.40 1.18
CA ALA A 379 23.70 11.46 0.45
C ALA A 379 22.78 11.08 -0.77
N TYR A 380 21.49 10.85 -0.46
CA TYR A 380 20.40 10.65 -1.40
C TYR A 380 19.13 11.48 -0.99
N LYS A 381 18.60 12.21 -1.99
CA LYS A 381 17.30 12.87 -1.96
C LYS A 381 16.41 12.51 -3.14
N HIS A 382 15.28 11.84 -2.90
CA HIS A 382 14.26 11.59 -3.93
C HIS A 382 13.87 12.88 -4.58
N SER A 383 13.82 12.93 -5.90
CA SER A 383 13.80 14.23 -6.65
C SER A 383 12.51 15.05 -6.49
N ASP A 384 11.44 14.37 -6.11
CA ASP A 384 10.16 15.00 -5.86
C ASP A 384 10.06 15.67 -4.51
N ILE A 385 11.06 15.52 -3.65
CA ILE A 385 11.07 16.35 -2.40
C ILE A 385 11.64 17.67 -2.75
N THR A 386 10.94 18.76 -2.44
CA THR A 386 11.52 20.11 -2.64
C THR A 386 12.24 20.57 -1.36
N ALA A 387 13.50 20.96 -1.54
CA ALA A 387 14.49 21.03 -0.48
C ALA A 387 14.23 22.15 0.47
N HIS A 388 13.64 23.25 -0.02
CA HIS A 388 13.63 24.56 0.69
C HIS A 388 12.34 25.37 0.53
N SER A 389 11.25 24.69 0.24
CA SER A 389 9.94 25.34 0.20
C SER A 389 8.82 24.34 0.18
N CYS A 390 7.66 24.82 0.63
CA CYS A 390 6.46 24.06 0.76
C CYS A 390 5.41 24.96 0.19
N PRO A 391 4.43 24.37 -0.51
CA PRO A 391 3.24 25.07 -0.91
C PRO A 391 2.37 25.26 0.30
N PRO A 392 1.51 26.27 0.30
CA PRO A 392 0.66 26.40 1.46
C PRO A 392 -0.41 25.32 1.52
N VAL A 393 -1.05 25.25 2.66
CA VAL A 393 -2.23 24.43 2.82
C VAL A 393 -3.32 24.99 1.92
N GLU A 394 -4.14 24.10 1.37
CA GLU A 394 -5.16 24.47 0.40
C GLU A 394 -6.38 25.07 1.11
N PRO A 395 -6.70 26.37 0.91
CA PRO A 395 -7.97 26.95 1.48
C PRO A 395 -9.26 26.21 1.13
N LEU B 1 -44.03 -35.22 5.57
CA LEU B 1 -42.91 -34.68 4.75
C LEU B 1 -43.07 -33.19 4.61
N PRO B 2 -41.99 -32.50 4.23
CA PRO B 2 -42.06 -31.11 3.86
C PRO B 2 -42.67 -30.89 2.47
N CYS B 3 -43.47 -29.84 2.36
CA CYS B 3 -44.18 -29.49 1.13
C CYS B 3 -43.23 -29.01 0.05
N VAL B 4 -42.06 -28.46 0.40
CA VAL B 4 -41.14 -27.99 -0.59
C VAL B 4 -39.75 -28.56 -0.33
N PRO B 5 -39.28 -29.44 -1.19
CA PRO B 5 -37.98 -30.06 -1.05
C PRO B 5 -36.86 -29.15 -1.57
N PHE B 6 -35.70 -29.27 -0.92
CA PHE B 6 -34.54 -28.44 -1.22
C PHE B 6 -33.47 -29.30 -1.86
N SER B 7 -32.70 -28.73 -2.77
CA SER B 7 -31.65 -29.54 -3.46
C SER B 7 -30.67 -30.05 -2.41
N VAL B 8 -30.30 -31.30 -2.57
CA VAL B 8 -29.39 -31.97 -1.69
C VAL B 8 -28.07 -32.22 -2.40
N ALA B 9 -27.88 -31.62 -3.59
CA ALA B 9 -26.66 -31.81 -4.41
C ALA B 9 -25.38 -31.11 -3.86
N LYS B 10 -24.24 -31.78 -4.04
CA LYS B 10 -22.97 -31.37 -3.52
C LYS B 10 -21.93 -31.50 -4.60
N SER B 11 -20.86 -30.73 -4.48
CA SER B 11 -19.70 -30.86 -5.34
C SER B 11 -18.70 -31.85 -4.76
N VAL B 12 -18.54 -32.98 -5.43
CA VAL B 12 -17.58 -33.96 -5.00
C VAL B 12 -16.14 -33.38 -4.89
N LYS B 13 -15.80 -32.48 -5.77
CA LYS B 13 -14.50 -31.91 -5.78
C LYS B 13 -14.49 -30.54 -5.08
N SER B 14 -15.07 -30.45 -3.88
CA SER B 14 -14.96 -29.24 -3.09
C SER B 14 -14.55 -29.58 -1.68
N LEU B 15 -14.26 -28.55 -0.91
CA LEU B 15 -13.90 -28.71 0.51
C LEU B 15 -14.64 -27.68 1.32
N TYR B 16 -15.48 -28.15 2.23
CA TYR B 16 -16.29 -27.30 3.06
C TYR B 16 -15.46 -26.91 4.25
N LEU B 17 -15.22 -25.61 4.40
CA LEU B 17 -14.45 -25.10 5.54
C LEU B 17 -15.18 -24.97 6.84
N GLY B 18 -16.49 -24.90 6.82
CA GLY B 18 -17.25 -24.64 8.11
C GLY B 18 -17.69 -25.85 8.92
N ARG B 19 -17.17 -27.02 8.59
CA ARG B 19 -17.67 -28.27 9.10
C ARG B 19 -17.35 -28.42 10.55
N MET B 20 -16.09 -28.20 10.94
CA MET B 20 -15.76 -28.36 12.38
C MET B 20 -16.33 -27.15 13.12
N PHE B 21 -16.75 -27.38 14.32
CA PHE B 21 -17.71 -26.51 15.04
C PHE B 21 -17.34 -25.12 15.55
N SER B 22 -16.07 -25.07 15.94
CA SER B 22 -15.58 -23.96 16.71
C SER B 22 -14.45 -23.27 16.01
N GLY B 23 -14.20 -23.43 14.72
CA GLY B 23 -12.82 -22.96 14.20
C GLY B 23 -11.55 -23.86 14.41
N THR B 24 -11.86 -25.14 14.53
CA THR B 24 -10.94 -26.24 14.27
C THR B 24 -10.71 -26.36 12.72
N PRO B 25 -9.49 -26.55 12.29
CA PRO B 25 -9.20 -26.80 10.87
C PRO B 25 -9.90 -28.05 10.30
N VAL B 26 -10.23 -28.04 9.03
CA VAL B 26 -10.79 -29.21 8.42
C VAL B 26 -9.69 -30.07 7.80
N ILE B 27 -8.49 -29.53 7.71
CA ILE B 27 -7.34 -30.23 7.16
C ILE B 27 -6.13 -29.68 7.86
N ARG B 28 -5.18 -30.54 8.20
CA ARG B 28 -3.84 -30.12 8.76
C ARG B 28 -2.75 -30.76 7.94
N LEU B 29 -1.86 -29.93 7.46
CA LEU B 29 -0.79 -30.34 6.71
C LEU B 29 0.53 -30.05 7.42
N ARG B 30 1.47 -30.95 7.23
CA ARG B 30 2.82 -30.82 7.77
C ARG B 30 3.81 -31.23 6.65
N PHE B 31 4.72 -30.32 6.30
CA PHE B 31 5.64 -30.42 5.20
C PHE B 31 7.08 -30.49 5.76
N LYS B 32 7.89 -31.34 5.16
CA LYS B 32 9.31 -31.53 5.43
C LYS B 32 9.97 -31.46 4.07
N ARG B 33 11.06 -30.72 3.98
CA ARG B 33 11.58 -30.41 2.69
C ARG B 33 13.12 -30.29 2.84
N LEU B 34 13.81 -30.77 1.81
CA LEU B 34 15.27 -30.91 1.78
C LEU B 34 15.95 -29.58 1.49
N GLN B 35 15.35 -28.77 0.62
CA GLN B 35 15.83 -27.45 0.21
C GLN B 35 14.96 -26.32 0.81
N PRO B 36 15.56 -25.13 0.96
CA PRO B 36 14.71 -24.00 1.24
C PRO B 36 13.55 -23.98 0.26
N THR B 37 12.36 -23.77 0.79
CA THR B 37 11.15 -23.75 0.00
C THR B 37 10.32 -22.50 0.35
N ARG B 38 9.68 -21.94 -0.66
CA ARG B 38 8.88 -20.78 -0.49
C ARG B 38 7.41 -21.23 -0.51
N LEU B 39 6.58 -20.52 0.26
CA LEU B 39 5.21 -20.89 0.40
C LEU B 39 4.48 -20.45 -0.83
N VAL B 40 3.68 -21.34 -1.43
CA VAL B 40 2.76 -21.04 -2.51
C VAL B 40 1.51 -21.82 -2.18
N ALA B 41 0.42 -21.12 -2.19
CA ALA B 41 -0.87 -21.69 -1.91
C ALA B 41 -1.92 -20.99 -2.76
N GLU B 42 -2.69 -21.77 -3.48
CA GLU B 42 -3.66 -21.17 -4.35
C GLU B 42 -4.95 -21.94 -4.25
N PHE B 43 -6.09 -21.25 -4.30
CA PHE B 43 -7.32 -21.98 -4.31
C PHE B 43 -8.44 -21.13 -4.86
N ASP B 44 -9.50 -21.78 -5.32
CA ASP B 44 -10.76 -21.05 -5.51
C ASP B 44 -11.55 -20.98 -4.24
N PHE B 45 -12.33 -19.93 -4.08
CA PHE B 45 -13.06 -19.70 -2.84
C PHE B 45 -14.44 -19.05 -3.10
N ARG B 46 -15.46 -19.54 -2.40
CA ARG B 46 -16.80 -19.01 -2.47
C ARG B 46 -17.36 -18.90 -1.07
N THR B 47 -17.96 -17.73 -0.75
CA THR B 47 -18.72 -17.58 0.45
C THR B 47 -19.61 -16.27 0.46
N PHE B 48 -20.65 -16.31 1.29
CA PHE B 48 -21.39 -15.10 1.65
C PHE B 48 -20.98 -14.69 3.12
N ASP B 49 -20.13 -15.46 3.77
CA ASP B 49 -19.78 -15.20 5.14
C ASP B 49 -18.84 -14.01 5.32
N PRO B 50 -19.17 -13.07 6.23
CA PRO B 50 -18.26 -11.90 6.20
C PRO B 50 -17.02 -12.10 7.02
N GLU B 51 -16.94 -13.17 7.77
CA GLU B 51 -15.83 -13.26 8.73
C GLU B 51 -15.50 -14.67 9.08
N GLY B 52 -14.18 -14.89 9.20
CA GLY B 52 -13.59 -16.14 9.58
C GLY B 52 -12.24 -16.48 8.93
N ILE B 53 -11.75 -17.70 9.15
CA ILE B 53 -10.35 -17.98 8.89
C ILE B 53 -10.25 -18.93 7.72
N LEU B 54 -9.51 -18.53 6.71
CA LEU B 54 -9.19 -19.40 5.58
C LEU B 54 -8.05 -20.39 5.85
N LEU B 55 -6.90 -19.86 6.30
CA LEU B 55 -5.78 -20.65 6.58
C LEU B 55 -4.72 -20.07 7.43
N PHE B 56 -3.88 -20.99 7.92
CA PHE B 56 -2.70 -20.68 8.73
C PHE B 56 -1.49 -21.33 8.04
N ALA B 57 -0.35 -20.67 8.03
CA ALA B 57 0.85 -21.28 7.55
C ALA B 57 1.95 -20.82 8.46
N GLY B 58 2.81 -21.75 8.85
CA GLY B 58 4.05 -21.39 9.53
C GLY B 58 4.36 -22.38 10.59
N GLY B 59 4.85 -21.89 11.73
CA GLY B 59 5.40 -22.80 12.71
C GLY B 59 4.37 -23.13 13.76
N HIS B 60 4.31 -22.29 14.76
CA HIS B 60 3.39 -22.49 15.86
C HIS B 60 3.24 -21.21 16.65
N GLN B 61 2.29 -21.22 17.57
CA GLN B 61 1.74 -19.99 18.13
C GLN B 61 2.83 -18.93 18.42
N ASP B 62 3.91 -19.34 19.06
CA ASP B 62 4.88 -18.40 19.54
C ASP B 62 5.93 -17.89 18.55
N SER B 63 6.22 -18.69 17.51
CA SER B 63 7.33 -18.39 16.60
C SER B 63 6.78 -17.54 15.44
N THR B 64 6.86 -18.03 14.20
CA THR B 64 6.50 -17.22 13.06
C THR B 64 5.45 -17.85 12.11
N TRP B 65 4.51 -17.04 11.72
CA TRP B 65 3.31 -17.53 11.02
C TRP B 65 2.47 -16.42 10.35
N ILE B 66 1.56 -16.85 9.50
CA ILE B 66 0.54 -16.02 8.97
C ILE B 66 -0.79 -16.71 9.04
N VAL B 67 -1.84 -15.89 9.06
CA VAL B 67 -3.19 -16.35 8.93
C VAL B 67 -3.92 -15.46 7.92
N LEU B 68 -4.67 -16.06 7.00
CA LEU B 68 -5.47 -15.37 6.09
C LEU B 68 -6.86 -15.55 6.52
N ALA B 69 -7.54 -14.44 6.64
CA ALA B 69 -8.89 -14.44 7.10
C ALA B 69 -9.76 -13.42 6.33
N LEU B 70 -11.07 -13.52 6.54
CA LEU B 70 -12.04 -12.51 6.18
C LEU B 70 -12.46 -11.76 7.47
N ARG B 71 -12.54 -10.46 7.34
CA ARG B 71 -13.24 -9.58 8.24
C ARG B 71 -14.06 -8.50 7.44
N ALA B 72 -15.30 -8.30 7.88
CA ALA B 72 -16.24 -7.36 7.29
C ALA B 72 -16.17 -7.56 5.80
N GLY B 73 -16.03 -8.84 5.39
CA GLY B 73 -16.16 -9.24 3.98
C GLY B 73 -14.92 -9.10 3.11
N ARG B 74 -13.80 -8.68 3.70
CA ARG B 74 -12.58 -8.44 2.97
C ARG B 74 -11.44 -9.23 3.59
N LEU B 75 -10.42 -9.48 2.80
CA LEU B 75 -9.32 -10.24 3.27
C LEU B 75 -8.61 -9.49 4.39
N GLU B 76 -8.13 -10.28 5.33
CA GLU B 76 -7.35 -9.79 6.45
C GLU B 76 -6.17 -10.72 6.60
N LEU B 77 -4.99 -10.11 6.71
CA LEU B 77 -3.79 -10.88 6.92
C LEU B 77 -3.22 -10.57 8.30
N GLN B 78 -2.97 -11.61 9.10
CA GLN B 78 -2.35 -11.42 10.40
C GLN B 78 -1.03 -12.11 10.27
N LEU B 79 0.00 -11.54 10.88
CA LEU B 79 1.30 -12.18 10.90
C LEU B 79 2.08 -11.93 12.19
N ARG B 80 2.95 -12.88 12.50
CA ARG B 80 3.87 -12.80 13.63
C ARG B 80 5.23 -13.19 13.08
N TYR B 81 6.20 -12.28 13.13
CA TYR B 81 7.62 -12.58 12.86
C TYR B 81 8.44 -12.20 14.08
N ASN B 82 9.20 -13.17 14.55
CA ASN B 82 9.76 -13.22 15.90
C ASN B 82 9.08 -12.38 17.01
N GLY B 83 7.91 -12.81 17.42
CA GLY B 83 7.21 -12.14 18.52
C GLY B 83 6.39 -10.93 18.08
N VAL B 84 6.69 -10.36 16.91
CA VAL B 84 6.04 -9.11 16.52
C VAL B 84 4.83 -9.38 15.65
N GLY B 85 3.67 -8.91 16.05
CA GLY B 85 2.43 -9.15 15.35
C GLY B 85 1.95 -7.95 14.54
N ARG B 86 1.34 -8.17 13.38
CA ARG B 86 0.78 -7.11 12.57
C ARG B 86 -0.47 -7.64 11.97
N VAL B 87 -1.46 -6.77 11.79
CA VAL B 87 -2.65 -7.12 11.04
C VAL B 87 -2.92 -6.12 9.94
N THR B 88 -3.15 -6.59 8.69
CA THR B 88 -3.60 -5.69 7.59
C THR B 88 -4.83 -6.23 6.90
N SER B 89 -5.61 -5.29 6.37
CA SER B 89 -6.79 -5.58 5.58
C SER B 89 -6.79 -4.68 4.39
N SER B 90 -7.10 -5.25 3.26
CA SER B 90 -7.14 -4.50 2.00
C SER B 90 -7.99 -5.27 0.93
N GLY B 91 -8.21 -4.67 -0.22
CA GLY B 91 -8.63 -5.42 -1.39
C GLY B 91 -10.10 -5.34 -1.55
N PRO B 92 -10.70 -6.14 -2.42
CA PRO B 92 -12.15 -6.01 -2.71
C PRO B 92 -12.99 -6.92 -1.87
N VAL B 93 -14.29 -6.73 -1.95
CA VAL B 93 -15.26 -7.62 -1.33
C VAL B 93 -15.06 -9.07 -1.87
N ILE B 94 -15.10 -10.02 -0.93
CA ILE B 94 -14.81 -11.42 -1.16
C ILE B 94 -16.10 -12.13 -0.94
N ASN B 95 -16.98 -11.62 -0.08
CA ASN B 95 -18.12 -12.43 0.31
C ASN B 95 -19.41 -12.18 -0.47
N HIS B 96 -19.28 -12.14 -1.81
CA HIS B 96 -20.38 -11.87 -2.76
C HIS B 96 -20.92 -13.17 -3.37
N GLY B 97 -20.48 -14.32 -2.85
CA GLY B 97 -21.05 -15.62 -3.26
C GLY B 97 -20.64 -16.13 -4.60
N MET B 98 -19.72 -15.47 -5.24
CA MET B 98 -19.18 -15.90 -6.47
C MET B 98 -17.78 -16.58 -6.27
N TRP B 99 -17.46 -17.59 -7.11
CA TRP B 99 -16.13 -18.17 -7.09
C TRP B 99 -15.09 -17.11 -7.44
N GLN B 100 -13.95 -17.14 -6.77
CA GLN B 100 -12.84 -16.30 -7.16
C GLN B 100 -11.60 -17.17 -6.90
N THR B 101 -10.47 -16.77 -7.44
CA THR B 101 -9.22 -17.47 -7.21
C THR B 101 -8.40 -16.65 -6.24
N ILE B 102 -7.93 -17.28 -5.17
CA ILE B 102 -7.11 -16.54 -4.21
C ILE B 102 -5.72 -17.18 -4.10
N SER B 103 -4.65 -16.38 -4.10
CA SER B 103 -3.35 -16.93 -3.71
C SER B 103 -2.59 -16.16 -2.68
N VAL B 104 -1.77 -16.90 -1.94
CA VAL B 104 -0.83 -16.38 -0.99
C VAL B 104 0.52 -16.98 -1.31
N GLU B 105 1.53 -16.14 -1.33
CA GLU B 105 2.87 -16.64 -1.56
C GLU B 105 3.94 -15.78 -0.96
N GLU B 106 5.12 -16.37 -0.79
CA GLU B 106 6.32 -15.62 -0.55
C GLU B 106 7.00 -15.34 -1.86
N LEU B 107 7.21 -14.07 -2.21
CA LEU B 107 7.92 -13.71 -3.41
C LEU B 107 8.84 -12.56 -3.14
N ALA B 108 10.15 -12.77 -3.32
CA ALA B 108 11.11 -11.68 -3.23
C ALA B 108 11.06 -11.05 -1.86
N ARG B 109 10.96 -11.89 -0.85
CA ARG B 109 10.90 -11.41 0.55
C ARG B 109 9.71 -10.48 0.88
N ASN B 110 8.65 -10.53 0.05
CA ASN B 110 7.33 -10.11 0.48
C ASN B 110 6.35 -11.25 0.62
N LEU B 111 5.25 -10.97 1.31
CA LEU B 111 4.06 -11.79 1.19
C LEU B 111 3.22 -11.10 0.17
N VAL B 112 2.79 -11.87 -0.85
CA VAL B 112 1.97 -11.35 -1.91
C VAL B 112 0.63 -12.12 -1.88
N ILE B 113 -0.47 -11.40 -1.84
CA ILE B 113 -1.80 -11.98 -1.84
C ILE B 113 -2.54 -11.44 -3.06
N LYS B 114 -3.19 -12.34 -3.77
CA LYS B 114 -3.91 -11.98 -4.99
C LYS B 114 -5.30 -12.47 -4.97
N VAL B 115 -6.18 -11.70 -5.58
CA VAL B 115 -7.51 -12.10 -5.84
C VAL B 115 -7.76 -11.99 -7.37
N ASN B 116 -8.26 -13.06 -7.96
CA ASN B 116 -8.38 -13.14 -9.40
C ASN B 116 -7.17 -12.54 -10.11
N ARG B 117 -6.00 -13.06 -9.82
CA ARG B 117 -4.73 -12.64 -10.47
C ARG B 117 -4.24 -11.19 -10.12
N ASP B 118 -5.07 -10.42 -9.44
CA ASP B 118 -4.71 -9.05 -9.00
C ASP B 118 -4.11 -8.96 -7.52
N ALA B 119 -2.88 -8.47 -7.42
CA ALA B 119 -2.17 -8.34 -6.12
C ALA B 119 -2.88 -7.29 -5.30
N VAL B 120 -3.43 -7.66 -4.14
CA VAL B 120 -4.08 -6.68 -3.27
C VAL B 120 -3.33 -6.42 -1.99
N MET B 121 -2.30 -7.21 -1.67
CA MET B 121 -1.41 -6.94 -0.54
C MET B 121 -0.01 -7.38 -0.97
N LYS B 122 0.99 -6.56 -0.64
CA LYS B 122 2.39 -6.88 -0.87
C LYS B 122 3.09 -6.40 0.38
N ILE B 123 3.55 -7.33 1.20
CA ILE B 123 4.00 -6.95 2.52
C ILE B 123 5.38 -7.42 2.74
N ALA B 124 6.30 -6.50 3.02
CA ALA B 124 7.69 -6.86 3.21
C ALA B 124 7.82 -7.50 4.57
N VAL B 125 8.57 -8.60 4.63
CA VAL B 125 8.68 -9.40 5.83
C VAL B 125 10.12 -9.74 6.04
N ALA B 126 10.45 -10.14 7.25
CA ALA B 126 11.85 -10.16 7.70
C ALA B 126 12.43 -11.54 7.60
N GLY B 127 11.65 -12.57 7.29
CA GLY B 127 12.20 -13.94 7.18
C GLY B 127 11.29 -14.82 6.35
N ASP B 128 11.60 -16.10 6.30
CA ASP B 128 10.81 -17.10 5.59
C ASP B 128 9.91 -17.89 6.53
N LEU B 129 8.83 -18.46 6.01
CA LEU B 129 7.94 -19.24 6.86
C LEU B 129 8.41 -20.69 7.09
N PHE B 130 9.04 -21.32 6.08
CA PHE B 130 9.72 -22.58 6.33
C PHE B 130 10.87 -22.35 7.33
N GLN B 131 10.91 -23.15 8.39
CA GLN B 131 11.93 -23.11 9.43
C GLN B 131 12.91 -24.27 9.34
N PRO B 132 14.22 -24.00 9.37
CA PRO B 132 15.23 -25.10 9.39
C PRO B 132 15.38 -25.73 10.73
N GLU B 133 15.62 -27.02 10.77
CA GLU B 133 15.82 -27.72 12.01
C GLU B 133 16.53 -28.99 11.59
N ARG B 134 17.75 -29.15 12.04
CA ARG B 134 18.49 -30.35 11.74
C ARG B 134 18.78 -30.52 10.24
N GLY B 135 19.04 -29.42 9.55
CA GLY B 135 19.32 -29.49 8.11
C GLY B 135 18.10 -29.77 7.23
N LEU B 136 16.91 -29.80 7.83
CA LEU B 136 15.63 -30.11 7.14
C LEU B 136 14.76 -28.84 7.23
N TYR B 137 13.94 -28.52 6.21
CA TYR B 137 13.07 -27.31 6.32
C TYR B 137 11.65 -27.71 6.67
N HIS B 138 11.01 -27.00 7.59
CA HIS B 138 9.72 -27.39 8.19
C HIS B 138 8.64 -26.33 8.03
N LEU B 139 7.39 -26.80 7.75
CA LEU B 139 6.19 -25.93 7.65
C LEU B 139 4.94 -26.65 8.01
N ASN B 140 4.10 -25.99 8.80
CA ASN B 140 2.75 -26.46 9.03
C ASN B 140 1.76 -25.55 8.30
N LEU B 141 0.66 -26.15 7.85
CA LEU B 141 -0.40 -25.42 7.17
C LEU B 141 -1.72 -26.04 7.57
N THR B 142 -2.64 -25.20 8.05
CA THR B 142 -3.98 -25.66 8.34
C THR B 142 -5.08 -24.93 7.58
N VAL B 143 -6.12 -25.64 7.20
CA VAL B 143 -7.12 -25.07 6.27
C VAL B 143 -8.45 -25.00 7.01
N GLY B 144 -9.06 -23.84 6.91
CA GLY B 144 -10.33 -23.50 7.57
C GLY B 144 -10.30 -23.46 9.05
N GLY B 145 -9.23 -22.91 9.60
CA GLY B 145 -8.97 -22.85 11.04
C GLY B 145 -7.46 -22.73 11.26
N ILE B 146 -7.16 -22.54 12.53
CA ILE B 146 -5.84 -22.47 13.12
C ILE B 146 -5.57 -23.55 14.12
N PRO B 147 -4.31 -23.85 14.30
CA PRO B 147 -4.05 -24.93 15.20
C PRO B 147 -3.77 -24.49 16.66
N PHE B 148 -4.00 -23.23 17.05
CA PHE B 148 -3.95 -22.78 18.48
C PHE B 148 -5.25 -22.03 18.78
N HIS B 149 -5.40 -21.42 19.95
CA HIS B 149 -6.70 -20.84 20.36
C HIS B 149 -6.74 -19.45 19.77
N GLU B 150 -7.93 -19.01 19.36
CA GLU B 150 -8.07 -17.76 18.66
C GLU B 150 -7.65 -16.55 19.52
N LYS B 151 -7.42 -16.78 20.80
CA LYS B 151 -7.10 -15.73 21.79
C LYS B 151 -5.69 -15.21 21.61
N ASP B 152 -4.88 -15.97 20.91
CA ASP B 152 -3.48 -15.64 20.78
C ASP B 152 -3.09 -15.21 19.35
N LEU B 153 -4.12 -15.00 18.49
CA LEU B 153 -3.98 -14.27 17.24
C LEU B 153 -3.51 -12.89 17.56
N VAL B 154 -3.07 -12.14 16.57
CA VAL B 154 -2.73 -10.75 16.80
C VAL B 154 -3.99 -9.97 17.09
N GLN B 155 -5.10 -10.26 16.38
CA GLN B 155 -6.38 -9.59 16.69
C GLN B 155 -7.47 -10.62 16.72
N PRO B 156 -8.27 -10.65 17.80
CA PRO B 156 -9.31 -11.67 17.95
C PRO B 156 -10.26 -11.72 16.74
N ILE B 157 -10.83 -12.88 16.45
CA ILE B 157 -11.76 -13.03 15.35
C ILE B 157 -12.60 -14.20 15.66
N ASN B 158 -13.78 -14.26 15.10
CA ASN B 158 -14.60 -15.48 15.15
C ASN B 158 -14.27 -16.39 13.97
N PRO B 159 -13.57 -17.47 14.24
CA PRO B 159 -12.97 -18.24 13.11
C PRO B 159 -13.95 -18.98 12.21
N ARG B 160 -15.20 -19.14 12.62
CA ARG B 160 -16.18 -19.99 11.91
C ARG B 160 -16.40 -19.44 10.49
N LEU B 161 -16.11 -20.24 9.46
CA LEU B 161 -16.20 -19.75 8.11
C LEU B 161 -17.02 -20.69 7.25
N ASP B 162 -18.26 -20.25 6.90
CA ASP B 162 -19.18 -21.00 6.09
C ASP B 162 -18.83 -20.71 4.65
N GLY B 163 -17.80 -21.35 4.16
CA GLY B 163 -17.31 -21.10 2.77
C GLY B 163 -16.66 -22.34 2.19
N CYS B 164 -16.18 -22.25 0.96
CA CYS B 164 -15.93 -23.44 0.19
C CYS B 164 -14.68 -23.24 -0.62
N MET B 165 -13.85 -24.28 -0.75
CA MET B 165 -12.65 -24.20 -1.60
C MET B 165 -12.77 -25.24 -2.72
N ARG B 166 -12.28 -24.95 -3.91
CA ARG B 166 -12.04 -26.01 -4.94
C ARG B 166 -10.69 -25.68 -5.63
N SER B 167 -10.16 -26.62 -6.39
CA SER B 167 -8.92 -26.42 -7.15
C SER B 167 -7.81 -25.83 -6.33
N TRP B 168 -7.53 -26.48 -5.21
CA TRP B 168 -6.47 -26.03 -4.32
C TRP B 168 -5.15 -26.53 -4.81
N ASN B 169 -4.13 -25.77 -4.52
CA ASN B 169 -2.79 -26.13 -4.82
C ASN B 169 -1.89 -25.67 -3.66
N TRP B 170 -1.44 -26.63 -2.86
CA TRP B 170 -0.54 -26.38 -1.75
C TRP B 170 0.88 -26.67 -2.16
N LEU B 171 1.69 -25.64 -2.32
CA LEU B 171 3.11 -25.83 -2.59
C LEU B 171 3.40 -26.63 -3.87
N ASN B 172 2.52 -26.55 -4.87
CA ASN B 172 2.68 -27.27 -6.17
C ASN B 172 2.85 -28.76 -6.00
N GLY B 173 2.20 -29.31 -4.98
CA GLY B 173 2.34 -30.72 -4.66
C GLY B 173 1.43 -31.55 -5.50
N GLU B 174 1.62 -32.86 -5.51
CA GLU B 174 0.77 -33.79 -6.30
C GLU B 174 0.15 -34.87 -5.41
N ASP B 175 0.08 -34.62 -4.11
CA ASP B 175 -0.62 -35.45 -3.13
C ASP B 175 -2.14 -35.26 -3.33
N THR B 176 -2.89 -36.35 -3.48
CA THR B 176 -4.32 -36.28 -3.71
C THR B 176 -5.14 -36.78 -2.50
N THR B 177 -4.55 -36.91 -1.32
CA THR B 177 -5.29 -37.46 -0.17
C THR B 177 -6.56 -36.71 0.23
N ILE B 178 -6.51 -35.39 0.19
CA ILE B 178 -7.71 -34.53 0.52
C ILE B 178 -8.85 -34.84 -0.45
N GLN B 179 -8.52 -34.79 -1.73
CA GLN B 179 -9.55 -35.06 -2.76
C GLN B 179 -10.17 -36.46 -2.59
N GLU B 180 -9.32 -37.47 -2.34
CA GLU B 180 -9.84 -38.84 -2.16
C GLU B 180 -10.63 -38.94 -0.89
N THR B 181 -10.21 -38.25 0.14
CA THR B 181 -10.94 -38.36 1.41
C THR B 181 -12.28 -37.67 1.28
N VAL B 182 -12.29 -36.54 0.61
CA VAL B 182 -13.55 -35.72 0.55
C VAL B 182 -14.62 -36.46 -0.26
N LYS B 183 -14.18 -37.18 -1.30
CA LYS B 183 -15.04 -38.04 -2.12
C LYS B 183 -15.95 -38.99 -1.35
N VAL B 184 -15.40 -39.58 -0.31
CA VAL B 184 -15.98 -40.69 0.41
C VAL B 184 -16.56 -40.18 1.74
N ASN B 185 -16.50 -38.86 1.98
CA ASN B 185 -17.12 -38.23 3.15
C ASN B 185 -17.92 -37.01 2.69
N THR B 186 -19.20 -37.21 2.37
CA THR B 186 -20.01 -36.14 1.75
C THR B 186 -20.19 -34.92 2.65
N ARG B 187 -20.06 -35.10 3.95
CA ARG B 187 -20.13 -33.97 4.93
C ARG B 187 -18.97 -32.98 4.74
N MET B 188 -17.88 -33.40 4.08
CA MET B 188 -16.75 -32.50 3.78
C MET B 188 -16.95 -31.79 2.47
N GLN B 189 -18.06 -32.06 1.79
CA GLN B 189 -18.32 -31.45 0.49
C GLN B 189 -19.29 -30.31 0.68
N CYS B 190 -19.15 -29.27 -0.13
CA CYS B 190 -20.10 -28.15 -0.23
C CYS B 190 -21.38 -28.33 -1.03
N PHE B 191 -22.40 -27.56 -0.70
CA PHE B 191 -23.62 -27.47 -1.54
C PHE B 191 -23.11 -27.06 -2.92
N SER B 192 -23.61 -27.65 -4.00
CA SER B 192 -23.20 -27.18 -5.33
C SER B 192 -23.53 -25.75 -5.59
N VAL B 193 -24.75 -25.35 -5.21
CA VAL B 193 -25.23 -24.00 -5.44
C VAL B 193 -25.60 -23.47 -4.08
N THR B 194 -25.15 -22.27 -3.77
CA THR B 194 -25.54 -21.65 -2.53
C THR B 194 -26.36 -20.38 -2.87
N GLU B 195 -27.40 -20.07 -2.08
CA GLU B 195 -28.08 -18.77 -2.07
C GLU B 195 -27.89 -18.10 -0.68
N ARG B 196 -28.22 -16.83 -0.56
CA ARG B 196 -28.17 -16.09 0.72
C ARG B 196 -29.17 -16.53 1.73
N GLY B 197 -28.80 -16.54 2.99
CA GLY B 197 -29.68 -16.97 4.04
C GLY B 197 -28.94 -17.90 4.96
N SER B 198 -29.65 -18.38 6.00
CA SER B 198 -29.22 -19.46 6.82
C SER B 198 -30.17 -20.57 6.54
N PHE B 199 -29.71 -21.82 6.54
CA PHE B 199 -30.60 -22.95 6.33
C PHE B 199 -30.85 -23.69 7.59
N TYR B 200 -32.13 -23.90 7.88
CA TYR B 200 -32.66 -24.50 9.04
C TYR B 200 -33.27 -25.82 8.59
N PRO B 201 -32.65 -26.96 8.92
CA PRO B 201 -33.23 -28.25 8.45
C PRO B 201 -34.42 -28.73 9.21
N GLY B 202 -34.73 -28.09 10.34
CA GLY B 202 -35.96 -28.42 11.06
C GLY B 202 -35.75 -29.32 12.25
N SER B 203 -34.54 -29.41 12.73
CA SER B 203 -34.26 -30.23 13.87
C SER B 203 -33.76 -29.44 15.12
N GLY B 204 -33.63 -28.13 15.02
CA GLY B 204 -33.11 -27.34 16.13
C GLY B 204 -33.32 -25.85 15.94
N PHE B 205 -32.70 -25.03 16.83
CA PHE B 205 -32.85 -23.60 16.79
C PHE B 205 -31.52 -22.95 17.15
N ALA B 206 -31.52 -21.63 17.14
CA ALA B 206 -30.41 -20.83 17.63
C ALA B 206 -31.00 -19.79 18.60
N PHE B 207 -30.22 -19.36 19.59
CA PHE B 207 -30.68 -18.20 20.39
C PHE B 207 -29.61 -17.16 20.70
N TYR B 208 -30.12 -15.96 20.98
CA TYR B 208 -29.31 -14.83 21.32
C TYR B 208 -29.82 -14.09 22.58
N SER B 209 -28.95 -13.30 23.16
CA SER B 209 -29.24 -12.44 24.30
C SER B 209 -29.26 -11.03 23.75
N LEU B 210 -30.42 -10.47 23.46
CA LEU B 210 -30.49 -9.20 22.75
C LEU B 210 -31.30 -8.31 23.66
N ASP B 211 -30.99 -7.01 23.70
CA ASP B 211 -31.76 -6.02 24.52
C ASP B 211 -32.74 -5.26 23.63
N TYR B 212 -33.98 -5.11 24.11
CA TYR B 212 -35.03 -4.42 23.35
C TYR B 212 -35.42 -3.05 23.95
N MET B 213 -34.84 -2.71 25.09
CA MET B 213 -35.27 -1.52 25.87
C MET B 213 -34.43 -0.25 25.64
N THR B 224 -37.86 3.28 27.10
CA THR B 224 -38.67 2.91 25.94
C THR B 224 -38.22 1.59 25.28
N TRP B 225 -39.07 1.05 24.38
CA TRP B 225 -38.88 -0.25 23.83
C TRP B 225 -39.48 -0.31 22.41
N GLU B 226 -38.92 -1.21 21.62
CA GLU B 226 -39.53 -1.62 20.37
C GLU B 226 -38.99 -2.98 19.95
N VAL B 227 -39.75 -3.68 19.11
CA VAL B 227 -39.25 -4.84 18.50
C VAL B 227 -39.55 -4.76 17.02
N GLU B 228 -38.49 -4.69 16.19
CA GLU B 228 -38.63 -4.57 14.75
C GLU B 228 -37.91 -5.81 14.15
N VAL B 229 -38.64 -6.61 13.36
CA VAL B 229 -38.08 -7.81 12.83
C VAL B 229 -38.37 -7.78 11.36
N VAL B 230 -37.37 -8.17 10.55
CA VAL B 230 -37.53 -8.40 9.11
C VAL B 230 -36.96 -9.74 8.82
N ALA B 231 -37.83 -10.62 8.32
CA ALA B 231 -37.51 -11.98 8.05
C ALA B 231 -37.72 -12.32 6.59
N HIS B 232 -36.64 -12.69 5.92
CA HIS B 232 -36.70 -13.10 4.51
C HIS B 232 -36.66 -14.65 4.52
N ILE B 233 -37.72 -15.28 4.07
CA ILE B 233 -37.91 -16.73 4.26
C ILE B 233 -38.26 -17.34 2.96
N ARG B 234 -37.77 -18.58 2.82
CA ARG B 234 -38.09 -19.47 1.77
C ARG B 234 -38.36 -20.84 2.39
N PRO B 235 -39.58 -21.10 2.81
CA PRO B 235 -39.86 -22.25 3.67
C PRO B 235 -39.95 -23.56 2.97
N ALA B 236 -39.70 -24.63 3.71
CA ALA B 236 -39.80 -26.00 3.22
C ALA B 236 -41.05 -26.67 3.72
N ALA B 237 -41.58 -26.14 4.81
CA ALA B 237 -42.75 -26.72 5.45
C ALA B 237 -43.65 -25.63 5.92
N ASP B 238 -44.91 -25.98 6.02
CA ASP B 238 -46.00 -25.04 6.24
C ASP B 238 -46.16 -24.58 7.69
N THR B 239 -45.29 -25.07 8.58
CA THR B 239 -45.47 -24.85 10.05
C THR B 239 -44.13 -24.65 10.72
N GLY B 240 -44.02 -23.69 11.63
CA GLY B 240 -42.79 -23.46 12.34
C GLY B 240 -42.57 -22.05 12.87
N VAL B 241 -41.71 -21.92 13.85
CA VAL B 241 -41.45 -20.66 14.50
C VAL B 241 -40.32 -20.00 13.75
N LEU B 242 -40.49 -18.73 13.41
CA LEU B 242 -39.45 -17.97 12.79
C LEU B 242 -38.61 -17.22 13.79
N PHE B 243 -39.26 -16.46 14.70
CA PHE B 243 -38.65 -15.60 15.65
C PHE B 243 -39.50 -15.64 16.93
N ALA B 244 -38.88 -15.72 18.08
CA ALA B 244 -39.63 -15.68 19.37
C ALA B 244 -38.78 -15.22 20.49
N LEU B 245 -39.44 -14.68 21.50
CA LEU B 245 -38.77 -14.28 22.74
C LEU B 245 -39.20 -15.25 23.80
N TRP B 246 -38.27 -15.69 24.66
CA TRP B 246 -38.55 -16.66 25.67
C TRP B 246 -38.04 -16.09 27.00
N ALA B 247 -38.91 -16.12 28.01
CA ALA B 247 -38.58 -15.68 29.38
C ALA B 247 -38.35 -16.91 30.27
N PRO B 248 -37.11 -17.16 30.61
CA PRO B 248 -36.80 -18.41 31.30
C PRO B 248 -37.48 -18.57 32.66
N ASP B 249 -37.37 -17.57 33.53
CA ASP B 249 -37.98 -17.68 34.88
C ASP B 249 -39.44 -18.20 34.78
N LEU B 250 -40.27 -17.54 33.97
CA LEU B 250 -41.68 -17.89 33.96
C LEU B 250 -42.01 -18.94 32.88
N ARG B 251 -41.03 -19.34 32.06
CA ARG B 251 -41.29 -20.32 30.99
C ARG B 251 -42.43 -19.84 30.01
N ALA B 252 -42.41 -18.54 29.71
CA ALA B 252 -43.39 -17.89 28.88
C ALA B 252 -42.76 -17.44 27.54
N VAL B 253 -43.62 -17.15 26.61
CA VAL B 253 -43.19 -16.75 25.26
C VAL B 253 -43.87 -15.40 25.05
N PRO B 254 -43.24 -14.34 25.50
CA PRO B 254 -43.80 -13.01 25.39
C PRO B 254 -44.14 -12.59 23.98
N LEU B 255 -43.39 -13.10 22.97
CA LEU B 255 -43.65 -12.74 21.57
C LEU B 255 -43.22 -13.86 20.65
N SER B 256 -44.00 -14.15 19.62
CA SER B 256 -43.57 -15.14 18.64
C SER B 256 -44.17 -14.75 17.24
N VAL B 257 -43.41 -15.03 16.18
CA VAL B 257 -43.88 -14.90 14.82
C VAL B 257 -43.73 -16.27 14.20
N ALA B 258 -44.81 -16.83 13.68
CA ALA B 258 -44.70 -18.17 13.20
C ALA B 258 -45.55 -18.53 11.97
N LEU B 259 -45.15 -19.59 11.27
CA LEU B 259 -45.98 -20.18 10.24
C LEU B 259 -46.90 -21.17 10.93
N VAL B 260 -48.22 -21.09 10.70
CA VAL B 260 -49.21 -22.13 11.06
C VAL B 260 -50.12 -22.51 9.88
N ASP B 261 -50.69 -23.72 9.94
CA ASP B 261 -51.80 -24.25 9.10
C ASP B 261 -53.08 -24.57 9.92
N GLN B 271 -53.13 -21.52 5.38
CA GLN B 271 -51.69 -21.25 5.49
C GLN B 271 -51.37 -19.81 5.87
N LEU B 272 -50.79 -19.64 7.07
CA LEU B 272 -50.73 -18.33 7.66
C LEU B 272 -49.45 -18.02 8.36
N VAL B 273 -49.21 -16.72 8.56
CA VAL B 273 -48.23 -16.24 9.48
C VAL B 273 -48.98 -15.73 10.67
N VAL B 274 -48.50 -15.97 11.89
CA VAL B 274 -49.25 -15.53 13.09
C VAL B 274 -48.25 -14.73 13.92
N LEU B 275 -48.65 -13.53 14.34
CA LEU B 275 -47.87 -12.74 15.32
C LEU B 275 -48.67 -12.83 16.62
N ALA B 276 -48.03 -13.28 17.69
CA ALA B 276 -48.70 -13.53 18.97
C ALA B 276 -47.98 -12.96 20.19
N VAL B 277 -48.72 -12.63 21.26
CA VAL B 277 -48.08 -12.30 22.56
C VAL B 277 -48.53 -13.38 23.51
N GLU B 278 -47.60 -14.25 23.93
CA GLU B 278 -47.94 -15.46 24.67
C GLU B 278 -48.91 -16.25 23.86
N HIS B 279 -50.02 -16.66 24.41
CA HIS B 279 -50.95 -17.54 23.67
C HIS B 279 -51.88 -16.79 22.73
N THR B 280 -51.87 -15.48 22.75
CA THR B 280 -52.88 -14.78 22.03
C THR B 280 -52.40 -14.19 20.67
N ALA B 281 -53.12 -14.57 19.63
CA ALA B 281 -52.80 -14.11 18.30
C ALA B 281 -53.22 -12.62 18.16
N LEU B 282 -52.25 -11.76 17.87
CA LEU B 282 -52.51 -10.35 17.57
C LEU B 282 -52.93 -10.08 16.13
N ALA B 283 -52.36 -10.83 15.19
CA ALA B 283 -52.61 -10.62 13.79
C ALA B 283 -52.27 -11.85 13.03
N LEU B 284 -52.95 -12.05 11.92
CA LEU B 284 -52.75 -13.20 11.05
C LEU B 284 -52.66 -12.76 9.60
N MET B 285 -51.90 -13.46 8.75
CA MET B 285 -51.76 -12.95 7.40
C MET B 285 -51.48 -14.12 6.52
N GLU B 286 -52.21 -14.20 5.42
CA GLU B 286 -52.03 -15.27 4.45
C GLU B 286 -50.66 -15.31 3.76
N ILE B 287 -50.18 -16.52 3.52
CA ILE B 287 -48.96 -16.65 2.80
C ILE B 287 -48.96 -17.96 1.95
N LYS B 288 -48.40 -17.87 0.77
CA LYS B 288 -48.20 -19.06 -0.05
C LYS B 288 -46.94 -19.80 0.37
N VAL B 289 -47.06 -20.52 1.48
CA VAL B 289 -45.89 -21.11 2.11
C VAL B 289 -45.26 -22.23 1.36
N CYS B 290 -45.98 -22.79 0.40
CA CYS B 290 -45.55 -23.98 -0.31
C CYS B 290 -45.26 -23.75 -1.78
N ASP B 291 -45.04 -22.51 -2.20
CA ASP B 291 -44.81 -22.29 -3.63
C ASP B 291 -43.32 -22.09 -3.92
N GLY B 292 -42.47 -22.21 -2.92
CA GLY B 292 -40.98 -22.19 -3.17
C GLY B 292 -40.43 -20.77 -3.28
N GLN B 293 -41.30 -19.78 -3.14
CA GLN B 293 -40.89 -18.41 -3.33
C GLN B 293 -40.37 -17.85 -2.00
N GLU B 294 -39.58 -16.78 -2.12
CA GLU B 294 -39.09 -15.99 -1.02
C GLU B 294 -40.15 -14.98 -0.60
N HIS B 295 -40.43 -14.85 0.67
CA HIS B 295 -41.42 -13.91 1.21
C HIS B 295 -40.72 -13.08 2.22
N VAL B 296 -41.17 -11.86 2.38
CA VAL B 296 -40.65 -10.93 3.39
C VAL B 296 -41.73 -10.69 4.44
N VAL B 297 -41.38 -11.04 5.68
CA VAL B 297 -42.22 -10.97 6.80
C VAL B 297 -41.62 -9.94 7.66
N THR B 298 -42.44 -8.95 8.02
CA THR B 298 -42.00 -7.98 8.95
C THR B 298 -43.03 -7.77 10.05
N VAL B 299 -42.52 -7.35 11.18
CA VAL B 299 -43.33 -7.15 12.31
C VAL B 299 -42.74 -5.97 13.04
N SER B 300 -43.60 -5.18 13.68
CA SER B 300 -43.16 -3.94 14.19
C SER B 300 -43.98 -3.63 15.44
N LEU B 301 -43.37 -3.63 16.61
CA LEU B 301 -44.11 -3.42 17.85
C LEU B 301 -43.44 -2.38 18.75
N ARG B 302 -44.29 -1.62 19.42
CA ARG B 302 -43.95 -0.51 20.37
C ARG B 302 -45.27 -0.11 21.05
N ASP B 303 -45.23 0.75 22.05
CA ASP B 303 -46.49 1.32 22.59
C ASP B 303 -47.33 1.85 21.45
N GLY B 304 -48.57 1.37 21.41
CA GLY B 304 -49.58 1.82 20.50
C GLY B 304 -49.63 1.02 19.19
N GLU B 305 -48.71 0.07 18.98
CA GLU B 305 -48.55 -0.52 17.64
C GLU B 305 -48.22 -1.99 17.61
N ALA B 306 -48.96 -2.76 16.81
CA ALA B 306 -48.47 -4.09 16.39
C ALA B 306 -48.85 -4.25 14.96
N THR B 307 -47.84 -4.39 14.10
CA THR B 307 -48.07 -4.48 12.68
C THR B 307 -47.37 -5.68 12.17
N LEU B 308 -48.13 -6.46 11.41
CA LEU B 308 -47.64 -7.65 10.80
C LEU B 308 -47.82 -7.45 9.35
N GLU B 309 -46.78 -7.69 8.54
CA GLU B 309 -46.90 -7.62 7.09
C GLU B 309 -46.22 -8.75 6.38
N VAL B 310 -46.77 -9.11 5.25
CA VAL B 310 -46.15 -10.06 4.39
C VAL B 310 -46.09 -9.45 2.99
N ASP B 311 -44.93 -9.50 2.36
CA ASP B 311 -44.73 -8.93 1.03
C ASP B 311 -45.45 -7.56 0.87
N GLY B 312 -45.36 -6.72 1.90
CA GLY B 312 -45.92 -5.38 1.84
C GLY B 312 -47.42 -5.24 2.15
N THR B 313 -48.13 -6.33 2.47
CA THR B 313 -49.57 -6.21 2.77
C THR B 313 -49.73 -6.49 4.25
N ARG B 314 -50.40 -5.61 4.99
CA ARG B 314 -50.67 -5.72 6.44
C ARG B 314 -51.69 -6.79 6.74
N GLY B 315 -51.50 -7.62 7.76
CA GLY B 315 -52.61 -8.49 8.16
C GLY B 315 -53.63 -7.73 9.00
N GLN B 316 -54.86 -8.24 9.12
CA GLN B 316 -55.84 -7.59 9.98
C GLN B 316 -55.67 -8.00 11.45
N SER B 317 -56.06 -7.07 12.31
CA SER B 317 -56.04 -7.32 13.72
C SER B 317 -57.07 -8.36 14.14
N GLU B 318 -56.63 -9.30 14.99
CA GLU B 318 -57.51 -10.27 15.59
C GLU B 318 -58.09 -9.82 16.92
N VAL B 319 -57.64 -8.70 17.49
CA VAL B 319 -58.07 -8.29 18.83
C VAL B 319 -58.58 -6.87 18.73
N SER B 320 -59.28 -6.43 19.78
CA SER B 320 -59.77 -5.06 19.88
C SER B 320 -58.60 -4.20 20.32
N ALA B 321 -58.73 -2.92 20.13
CA ALA B 321 -57.67 -2.03 20.58
C ALA B 321 -57.34 -2.19 22.11
N ALA B 322 -58.36 -2.27 22.97
CA ALA B 322 -58.08 -2.49 24.38
C ALA B 322 -57.32 -3.79 24.69
N GLN B 323 -57.63 -4.91 24.04
CA GLN B 323 -56.87 -6.11 24.25
C GLN B 323 -55.43 -5.95 23.75
N LEU B 324 -55.25 -5.20 22.66
CA LEU B 324 -53.93 -5.03 22.12
C LEU B 324 -53.10 -4.17 23.11
N GLN B 325 -53.68 -3.14 23.67
CA GLN B 325 -52.95 -2.38 24.73
C GLN B 325 -52.54 -3.25 25.91
N GLU B 326 -53.45 -4.14 26.30
CA GLU B 326 -53.15 -5.10 27.37
C GLU B 326 -51.98 -6.02 26.99
N ARG B 327 -52.01 -6.64 25.82
CA ARG B 327 -50.92 -7.52 25.35
C ARG B 327 -49.62 -6.72 25.21
N LEU B 328 -49.65 -5.46 24.70
CA LEU B 328 -48.43 -4.64 24.59
C LEU B 328 -47.88 -4.33 25.95
N ALA B 329 -48.74 -4.19 26.93
CA ALA B 329 -48.21 -3.87 28.30
C ALA B 329 -47.62 -5.13 28.90
N VAL B 330 -48.20 -6.27 28.62
CA VAL B 330 -47.59 -7.51 29.11
C VAL B 330 -46.24 -7.83 28.38
N LEU B 331 -46.18 -7.62 27.06
CA LEU B 331 -44.91 -7.71 26.37
C LEU B 331 -43.92 -6.74 27.00
N GLU B 332 -44.31 -5.51 27.24
CA GLU B 332 -43.27 -4.59 27.69
C GLU B 332 -42.78 -4.93 29.12
N ARG B 333 -43.66 -5.43 29.97
CA ARG B 333 -43.23 -5.92 31.32
C ARG B 333 -42.16 -7.07 31.20
N HIS B 334 -42.40 -8.04 30.32
CA HIS B 334 -41.41 -9.11 30.07
C HIS B 334 -40.12 -8.51 29.60
N LEU B 335 -40.17 -7.45 28.81
CA LEU B 335 -38.91 -6.88 28.28
C LEU B 335 -38.09 -6.12 29.36
N ARG B 336 -38.63 -5.88 30.56
CA ARG B 336 -37.83 -5.22 31.61
C ARG B 336 -36.93 -6.24 32.38
N SER B 337 -37.06 -7.51 32.01
CA SER B 337 -36.24 -8.64 32.50
C SER B 337 -35.62 -9.40 31.31
N PRO B 338 -34.70 -10.32 31.57
CA PRO B 338 -33.97 -10.89 30.46
C PRO B 338 -34.79 -11.94 29.74
N VAL B 339 -34.71 -11.81 28.42
CA VAL B 339 -35.38 -12.69 27.56
C VAL B 339 -34.34 -13.23 26.64
N LEU B 340 -34.56 -14.44 26.14
CA LEU B 340 -33.68 -14.95 25.07
C LEU B 340 -34.41 -14.76 23.73
N THR B 341 -33.68 -14.42 22.68
CA THR B 341 -34.25 -14.31 21.36
C THR B 341 -33.95 -15.60 20.54
N PHE B 342 -35.00 -16.31 20.15
CA PHE B 342 -34.93 -17.55 19.45
C PHE B 342 -35.20 -17.40 17.95
N ALA B 343 -34.35 -18.03 17.14
CA ALA B 343 -34.52 -18.15 15.67
C ALA B 343 -34.78 -19.58 15.31
N GLY B 344 -35.94 -19.83 14.68
CA GLY B 344 -36.14 -21.12 14.06
C GLY B 344 -36.79 -22.16 14.90
N GLY B 345 -37.16 -21.83 16.13
CA GLY B 345 -37.80 -22.79 17.01
C GLY B 345 -37.99 -22.23 18.46
N LEU B 346 -38.52 -23.05 19.36
CA LEU B 346 -38.69 -22.72 20.74
C LEU B 346 -38.41 -23.90 21.58
N PRO B 347 -37.95 -23.66 22.83
CA PRO B 347 -37.79 -24.85 23.63
C PRO B 347 -39.15 -25.47 23.99
N ASP B 348 -39.11 -26.58 24.68
CA ASP B 348 -40.32 -27.29 24.98
C ASP B 348 -41.18 -26.39 25.86
N VAL B 349 -42.37 -26.13 25.35
CA VAL B 349 -43.18 -25.01 25.81
C VAL B 349 -44.65 -25.38 25.64
N PRO B 350 -45.33 -25.58 26.78
CA PRO B 350 -46.75 -25.94 26.74
C PRO B 350 -47.45 -25.50 25.47
N VAL B 351 -48.24 -26.40 24.89
CA VAL B 351 -49.21 -26.07 23.82
C VAL B 351 -49.97 -24.72 24.06
N THR B 352 -49.89 -24.22 25.30
CA THR B 352 -50.77 -23.22 25.91
C THR B 352 -50.08 -21.85 26.15
N SER B 353 -48.78 -21.77 25.90
CA SER B 353 -48.08 -20.51 26.11
C SER B 353 -47.73 -19.81 24.77
N ALA B 354 -48.07 -20.40 23.62
CA ALA B 354 -47.64 -19.93 22.30
C ALA B 354 -48.42 -20.69 21.25
N PRO B 355 -48.80 -20.05 20.15
CA PRO B 355 -49.59 -20.92 19.29
C PRO B 355 -48.80 -21.94 18.51
N VAL B 356 -47.49 -21.80 18.36
CA VAL B 356 -46.69 -22.73 17.55
C VAL B 356 -45.39 -22.93 18.21
N THR B 357 -44.95 -24.19 18.31
CA THR B 357 -43.65 -24.43 18.91
C THR B 357 -42.77 -25.27 17.99
N ALA B 358 -43.25 -25.61 16.81
CA ALA B 358 -42.49 -26.47 15.90
C ALA B 358 -41.30 -25.73 15.36
N PHE B 359 -40.30 -26.52 14.96
CA PHE B 359 -39.08 -26.01 14.37
C PHE B 359 -39.28 -25.57 12.93
N TYR B 360 -38.73 -24.41 12.54
CA TYR B 360 -38.77 -23.95 11.14
C TYR B 360 -37.94 -24.88 10.24
N ARG B 361 -38.43 -25.21 9.05
CA ARG B 361 -37.62 -25.84 8.01
C ARG B 361 -37.59 -24.94 6.75
N GLY B 362 -36.40 -24.62 6.29
CA GLY B 362 -36.23 -23.78 5.13
C GLY B 362 -35.13 -22.75 5.28
N CYS B 363 -35.12 -21.79 4.37
CA CYS B 363 -34.12 -20.73 4.33
C CYS B 363 -34.72 -19.47 5.06
N MET B 364 -33.89 -18.76 5.84
CA MET B 364 -34.32 -17.58 6.57
C MET B 364 -33.15 -16.65 6.91
N THR B 365 -33.35 -15.37 6.65
CA THR B 365 -32.50 -14.30 7.12
C THR B 365 -33.32 -13.43 8.07
N LEU B 366 -32.70 -13.10 9.18
CA LEU B 366 -33.37 -12.41 10.26
C LEU B 366 -32.63 -11.15 10.57
N GLU B 367 -33.36 -10.04 10.57
CA GLU B 367 -32.84 -8.77 10.99
C GLU B 367 -33.69 -8.25 12.16
N VAL B 368 -33.07 -7.86 13.26
CA VAL B 368 -33.79 -7.53 14.47
C VAL B 368 -33.32 -6.16 14.98
N ASN B 369 -34.27 -5.23 15.17
CA ASN B 369 -33.94 -3.85 15.52
C ASN B 369 -32.81 -3.32 14.71
N ARG B 370 -32.91 -3.52 13.38
CA ARG B 370 -31.95 -3.07 12.38
C ARG B 370 -30.58 -3.72 12.46
N ARG B 371 -30.44 -4.83 13.18
CA ARG B 371 -29.21 -5.56 13.08
C ARG B 371 -29.43 -6.96 12.53
N LEU B 372 -28.64 -7.24 11.53
CA LEU B 372 -28.66 -8.52 10.87
C LEU B 372 -28.10 -9.56 11.82
N LEU B 373 -28.83 -10.63 12.11
CA LEU B 373 -28.28 -11.66 12.96
C LEU B 373 -27.29 -12.51 12.17
N ASP B 374 -26.12 -12.61 12.76
CA ASP B 374 -25.08 -13.52 12.28
C ASP B 374 -25.16 -14.80 13.13
N LEU B 375 -25.50 -15.89 12.49
CA LEU B 375 -25.60 -17.16 13.19
C LEU B 375 -24.28 -17.67 13.72
N ASP B 376 -23.14 -17.19 13.22
CA ASP B 376 -21.86 -17.55 13.93
C ASP B 376 -21.68 -16.89 15.31
N GLU B 377 -22.53 -15.92 15.64
CA GLU B 377 -22.43 -15.05 16.86
C GLU B 377 -23.53 -15.43 17.82
N ALA B 378 -24.29 -16.46 17.55
CA ALA B 378 -25.37 -16.82 18.47
C ALA B 378 -24.81 -17.34 19.72
N ALA B 379 -25.50 -17.19 20.83
CA ALA B 379 -24.98 -17.81 22.02
C ALA B 379 -25.08 -19.35 21.95
N TYR B 380 -26.05 -19.87 21.20
CA TYR B 380 -26.26 -21.29 20.99
C TYR B 380 -26.82 -21.42 19.56
N LYS B 381 -26.21 -22.29 18.75
CA LYS B 381 -26.73 -22.67 17.43
C LYS B 381 -26.67 -24.16 17.22
N HIS B 382 -27.80 -24.82 17.04
CA HIS B 382 -27.80 -26.26 16.68
C HIS B 382 -26.85 -26.47 15.50
N SER B 383 -25.94 -27.44 15.63
CA SER B 383 -24.84 -27.75 14.69
C SER B 383 -25.26 -27.93 13.19
N ASP B 384 -26.45 -28.42 12.94
CA ASP B 384 -26.97 -28.61 11.56
C ASP B 384 -27.52 -27.40 10.83
N ILE B 385 -27.68 -26.27 11.53
CA ILE B 385 -28.03 -25.02 10.85
C ILE B 385 -26.86 -24.46 10.14
N THR B 386 -27.04 -24.09 8.89
CA THR B 386 -25.94 -23.54 8.13
C THR B 386 -26.04 -21.99 8.10
N ALA B 387 -25.01 -21.38 8.61
CA ALA B 387 -25.04 -20.04 9.08
C ALA B 387 -25.15 -19.01 7.96
N HIS B 388 -24.49 -19.24 6.82
CA HIS B 388 -24.49 -18.18 5.84
C HIS B 388 -24.79 -18.66 4.39
N SER B 389 -25.39 -19.82 4.19
CA SER B 389 -25.76 -20.23 2.86
C SER B 389 -26.95 -21.22 2.99
N CYS B 390 -27.77 -21.26 1.93
CA CYS B 390 -28.90 -22.15 1.79
C CYS B 390 -28.77 -22.81 0.45
N PRO B 391 -29.25 -24.07 0.31
CA PRO B 391 -29.39 -24.67 -1.04
C PRO B 391 -30.60 -24.10 -1.71
N PRO B 392 -30.65 -24.19 -3.05
CA PRO B 392 -31.87 -23.81 -3.76
C PRO B 392 -32.97 -24.90 -3.63
N VAL B 393 -34.23 -24.49 -3.91
CA VAL B 393 -35.35 -25.39 -3.96
C VAL B 393 -35.08 -26.48 -5.05
N GLU B 394 -35.39 -27.75 -4.80
CA GLU B 394 -35.35 -28.76 -5.92
C GLU B 394 -36.28 -28.33 -7.08
N PRO B 395 -35.76 -28.23 -8.31
CA PRO B 395 -36.66 -28.44 -9.50
C PRO B 395 -37.28 -29.83 -9.50
N GLU C 1 12.51 10.92 -40.36
CA GLU C 1 11.46 11.89 -39.91
C GLU C 1 12.03 13.09 -39.18
N SER C 2 11.49 14.25 -39.53
CA SER C 2 12.07 15.55 -39.20
C SER C 2 12.00 15.82 -37.69
N PRO C 3 13.11 16.25 -37.07
CA PRO C 3 12.98 16.72 -35.72
C PRO C 3 12.34 18.10 -35.64
N PHE C 4 12.22 18.81 -36.75
CA PHE C 4 11.74 20.18 -36.70
C PHE C 4 10.24 20.25 -36.43
N VAL C 5 9.94 20.81 -35.28
CA VAL C 5 8.62 21.14 -34.83
C VAL C 5 8.14 22.46 -35.44
N SER C 6 9.04 23.38 -35.78
CA SER C 6 8.63 24.59 -36.50
C SER C 6 9.74 25.08 -37.40
N ASN C 7 9.34 25.83 -38.44
CA ASN C 7 10.21 26.21 -39.53
C ASN C 7 10.13 27.72 -39.75
N PRO C 8 11.22 28.31 -40.22
CA PRO C 8 11.26 29.76 -40.41
C PRO C 8 10.13 30.35 -41.29
N GLY C 9 9.65 31.52 -40.91
CA GLY C 9 8.62 32.25 -41.66
C GLY C 9 9.22 33.07 -42.78
N ASN C 10 8.48 34.05 -43.28
CA ASN C 10 8.94 34.89 -44.38
C ASN C 10 9.14 36.32 -43.89
N ILE C 11 10.14 37.01 -44.42
CA ILE C 11 10.15 38.46 -44.29
C ILE C 11 10.27 39.11 -45.66
N THR C 12 9.56 40.23 -45.83
CA THR C 12 9.29 40.79 -47.13
C THR C 12 9.01 42.28 -46.85
N GLY C 13 9.87 43.18 -47.34
CA GLY C 13 9.77 44.61 -47.01
C GLY C 13 10.90 45.52 -47.50
N ALA C 14 10.97 46.72 -46.94
CA ALA C 14 11.92 47.77 -47.39
C ALA C 14 13.36 47.58 -46.95
N ARG C 15 14.30 48.06 -47.77
CA ARG C 15 15.66 48.34 -47.31
C ARG C 15 15.59 48.93 -45.89
N GLY C 16 16.36 48.36 -44.96
CA GLY C 16 16.40 48.90 -43.58
C GLY C 16 15.52 48.24 -42.52
N LEU C 17 14.52 47.48 -42.97
CA LEU C 17 13.66 46.72 -42.06
C LEU C 17 14.51 45.81 -41.13
N THR C 18 14.09 45.69 -39.87
CA THR C 18 14.63 44.70 -38.92
C THR C 18 13.56 43.62 -38.58
N GLY C 19 13.96 42.35 -38.59
CA GLY C 19 13.06 41.24 -38.26
C GLY C 19 13.80 39.98 -37.87
N THR C 20 13.05 38.93 -37.57
CA THR C 20 13.62 37.68 -37.09
C THR C 20 12.97 36.49 -37.74
N LEU C 21 13.73 35.39 -37.78
CA LEU C 21 13.20 34.14 -38.18
C LEU C 21 13.62 33.20 -37.13
N ARG C 22 12.84 32.14 -36.94
CA ARG C 22 13.21 31.11 -36.00
C ARG C 22 12.87 29.71 -36.41
N CYS C 23 13.51 28.76 -35.75
CA CYS C 23 13.18 27.37 -35.92
C CYS C 23 13.34 26.64 -34.64
N GLN C 24 12.61 25.55 -34.50
CA GLN C 24 12.66 24.77 -33.29
C GLN C 24 12.55 23.29 -33.57
N LEU C 25 13.30 22.52 -32.80
CA LEU C 25 13.28 21.07 -32.91
C LEU C 25 13.32 20.37 -31.56
N GLN C 26 13.03 19.09 -31.57
CA GLN C 26 13.17 18.25 -30.39
C GLN C 26 13.95 16.99 -30.68
N VAL C 27 14.95 16.72 -29.85
CA VAL C 27 15.86 15.63 -30.06
C VAL C 27 16.08 14.82 -28.82
N GLN C 28 16.55 13.60 -28.99
CA GLN C 28 16.86 12.71 -27.88
C GLN C 28 18.37 12.81 -27.67
N GLY C 29 18.84 12.94 -26.45
CA GLY C 29 20.30 12.97 -26.19
C GLY C 29 20.98 14.32 -26.42
N GLU C 30 22.29 14.37 -26.23
CA GLU C 30 23.07 15.63 -26.33
C GLU C 30 22.58 16.51 -27.50
N PRO C 31 22.14 17.73 -27.18
CA PRO C 31 21.53 18.57 -28.18
C PRO C 31 22.54 19.11 -29.14
N PRO C 32 22.18 19.20 -30.41
CA PRO C 32 23.03 19.71 -31.47
C PRO C 32 23.00 21.25 -31.53
N GLU C 33 24.02 21.80 -32.15
CA GLU C 33 24.11 23.19 -32.55
C GLU C 33 23.19 23.48 -33.75
N VAL C 34 22.55 24.65 -33.85
CA VAL C 34 21.80 24.87 -35.07
C VAL C 34 22.40 25.88 -35.98
N HIS C 35 22.43 25.50 -37.26
CA HIS C 35 23.18 26.21 -38.27
C HIS C 35 22.16 26.84 -39.15
N TRP C 36 22.38 28.10 -39.47
CA TRP C 36 21.47 28.76 -40.35
C TRP C 36 22.02 28.70 -41.74
N LEU C 37 21.12 28.41 -42.66
CA LEU C 37 21.47 28.31 -44.07
C LEU C 37 20.85 29.41 -44.95
N ARG C 38 21.65 30.07 -45.78
CA ARG C 38 21.08 30.93 -46.82
C ARG C 38 21.50 30.44 -48.21
N ASP C 39 20.50 30.14 -49.01
CA ASP C 39 20.67 29.43 -50.26
C ASP C 39 21.75 28.38 -50.10
N GLY C 40 21.59 27.50 -49.10
CA GLY C 40 22.42 26.28 -48.97
C GLY C 40 23.79 26.51 -48.39
N GLN C 41 24.07 27.76 -48.04
CA GLN C 41 25.33 28.09 -47.44
C GLN C 41 25.07 28.34 -45.98
N ILE C 42 25.84 27.66 -45.15
CA ILE C 42 25.80 27.90 -43.75
C ILE C 42 26.44 29.23 -43.50
N LEU C 43 25.72 30.11 -42.83
CA LEU C 43 26.19 31.47 -42.53
C LEU C 43 27.04 31.42 -41.30
N GLU C 44 28.31 31.78 -41.41
CA GLU C 44 29.11 31.89 -40.19
C GLU C 44 28.82 33.22 -39.45
N LEU C 45 28.60 34.30 -40.19
CA LEU C 45 28.42 35.62 -39.58
C LEU C 45 26.92 35.92 -39.47
N VAL C 46 26.36 35.67 -38.27
CA VAL C 46 24.96 35.93 -38.01
C VAL C 46 24.71 36.54 -36.65
N ASP C 47 23.66 37.34 -36.55
CA ASP C 47 23.05 37.66 -35.24
C ASP C 47 22.12 36.49 -34.87
N SER C 48 22.56 35.51 -34.07
CA SER C 48 21.70 34.38 -33.70
C SER C 48 21.63 34.11 -32.17
N THR C 49 20.48 33.62 -31.67
CA THR C 49 20.29 33.23 -30.24
C THR C 49 19.76 31.80 -30.29
N GLN C 50 20.55 30.88 -29.71
CA GLN C 50 20.20 29.49 -29.62
C GLN C 50 19.78 29.13 -28.19
N THR C 51 18.71 28.36 -28.05
CA THR C 51 18.21 27.96 -26.72
C THR C 51 18.15 26.44 -26.64
N GLN C 52 18.70 25.87 -25.58
CA GLN C 52 18.51 24.46 -25.32
C GLN C 52 17.85 24.27 -23.96
N VAL C 53 16.75 23.49 -23.91
CA VAL C 53 16.05 23.16 -22.65
C VAL C 53 15.97 21.68 -22.47
N PRO C 54 16.58 21.16 -21.40
CA PRO C 54 16.46 19.73 -21.16
C PRO C 54 15.09 19.42 -20.58
N LEU C 55 14.38 18.46 -21.17
CA LEU C 55 13.02 18.10 -20.76
C LEU C 55 12.96 16.99 -19.73
N GLY C 56 13.94 16.09 -19.73
CA GLY C 56 13.96 14.95 -18.79
C GLY C 56 14.67 15.41 -17.53
N GLU C 57 15.10 14.49 -16.69
CA GLU C 57 15.78 14.86 -15.43
C GLU C 57 17.28 14.61 -15.53
N ASP C 58 17.72 14.47 -16.76
CA ASP C 58 19.00 13.89 -17.10
C ASP C 58 19.43 14.44 -18.46
N GLU C 59 20.70 14.83 -18.60
CA GLU C 59 21.17 15.51 -19.84
C GLU C 59 21.17 14.58 -21.06
N GLN C 60 21.01 13.28 -20.82
CA GLN C 60 20.85 12.25 -21.87
C GLN C 60 19.39 12.05 -22.36
N GLY C 61 18.38 12.53 -21.64
CA GLY C 61 16.99 12.45 -22.09
C GLY C 61 16.74 13.43 -23.23
N ASP C 62 15.48 13.68 -23.50
CA ASP C 62 15.10 14.67 -24.48
C ASP C 62 15.41 16.16 -24.15
N TRP C 63 15.69 16.88 -25.23
CA TRP C 63 15.88 18.33 -25.25
C TRP C 63 15.03 19.07 -26.28
N ILE C 64 14.65 20.29 -25.94
CA ILE C 64 14.14 21.25 -26.89
C ILE C 64 15.26 22.20 -27.32
N VAL C 65 15.35 22.43 -28.63
CA VAL C 65 16.38 23.29 -29.21
C VAL C 65 15.74 24.27 -30.16
N ALA C 66 16.00 25.54 -29.92
CA ALA C 66 15.49 26.59 -30.79
C ALA C 66 16.63 27.53 -31.22
N SER C 67 16.47 28.16 -32.39
CA SER C 67 17.37 29.21 -32.81
C SER C 67 16.60 30.38 -33.44
N GLN C 68 17.09 31.58 -33.17
CA GLN C 68 16.50 32.78 -33.71
C GLN C 68 17.56 33.56 -34.40
N LEU C 69 17.30 33.91 -35.66
CA LEU C 69 18.22 34.65 -36.47
C LEU C 69 17.57 36.00 -36.55
N ARG C 70 18.38 37.03 -36.60
CA ARG C 70 17.92 38.42 -36.65
C ARG C 70 18.58 39.14 -37.85
N ILE C 71 17.78 39.91 -38.56
CA ILE C 71 18.32 40.74 -39.66
C ILE C 71 18.15 42.15 -39.25
N THR C 72 19.25 42.85 -39.04
CA THR C 72 19.12 44.19 -38.45
C THR C 72 18.69 45.19 -39.53
N SER C 73 19.38 45.22 -40.67
CA SER C 73 18.99 46.13 -41.75
C SER C 73 18.89 45.41 -43.06
N LEU C 74 17.67 45.35 -43.57
CA LEU C 74 17.43 44.51 -44.70
C LEU C 74 18.13 45.11 -45.91
N GLN C 75 18.70 44.24 -46.71
CA GLN C 75 19.36 44.65 -47.91
C GLN C 75 19.51 43.45 -48.83
N LEU C 76 19.97 43.69 -50.05
CA LEU C 76 19.97 42.66 -51.04
C LEU C 76 20.76 41.43 -50.64
N SER C 77 21.92 41.63 -50.03
CA SER C 77 22.75 40.47 -49.70
C SER C 77 22.13 39.61 -48.60
N ASP C 78 21.16 40.14 -47.83
CA ASP C 78 20.38 39.33 -46.86
C ASP C 78 19.26 38.51 -47.53
N THR C 79 18.93 38.86 -48.76
CA THR C 79 17.87 38.19 -49.56
C THR C 79 18.21 36.71 -49.81
N GLY C 80 17.18 35.88 -49.79
CA GLY C 80 17.42 34.48 -50.08
C GLY C 80 16.45 33.54 -49.40
N GLN C 81 16.83 32.27 -49.47
CA GLN C 81 16.05 31.17 -48.96
C GLN C 81 16.74 30.75 -47.67
N TYR C 82 16.03 30.85 -46.55
CA TYR C 82 16.57 30.50 -45.24
C TYR C 82 16.08 29.12 -44.70
N GLN C 83 16.99 28.30 -44.20
CA GLN C 83 16.64 27.02 -43.57
C GLN C 83 17.60 26.76 -42.40
N CYS C 84 17.14 26.00 -41.43
CA CYS C 84 17.97 25.56 -40.34
C CYS C 84 18.45 24.20 -40.67
N LEU C 85 19.64 23.87 -40.18
CA LEU C 85 20.19 22.56 -40.41
C LEU C 85 20.86 22.12 -39.15
N VAL C 86 20.70 20.84 -38.81
CA VAL C 86 21.41 20.21 -37.72
C VAL C 86 22.04 18.89 -38.14
N PHE C 87 23.08 18.52 -37.40
CA PHE C 87 23.75 17.23 -37.56
C PHE C 87 23.45 16.39 -36.34
N LEU C 88 22.68 15.33 -36.53
CA LEU C 88 22.47 14.32 -35.49
C LEU C 88 23.27 13.08 -35.90
N GLY C 89 24.42 12.90 -35.25
CA GLY C 89 25.38 11.89 -35.68
C GLY C 89 25.92 12.29 -37.04
N HIS C 90 26.03 11.32 -37.95
CA HIS C 90 26.44 11.62 -39.34
C HIS C 90 25.24 12.07 -40.19
N GLN C 91 24.04 11.92 -39.62
CA GLN C 91 22.81 12.29 -40.31
C GLN C 91 22.62 13.80 -40.34
N THR C 92 21.89 14.25 -41.36
CA THR C 92 21.59 15.65 -41.54
C THR C 92 20.08 15.87 -41.73
N PHE C 93 19.56 17.00 -41.23
CA PHE C 93 18.16 17.30 -41.44
C PHE C 93 18.02 18.80 -41.71
N VAL C 94 17.25 19.12 -42.73
CA VAL C 94 17.01 20.52 -43.11
C VAL C 94 15.54 20.87 -42.92
N SER C 95 15.28 22.08 -42.52
CA SER C 95 13.94 22.52 -42.27
C SER C 95 13.28 22.97 -43.55
N GLN C 96 11.95 23.05 -43.52
CA GLN C 96 11.17 23.76 -44.53
C GLN C 96 11.77 25.16 -44.63
N PRO C 97 11.84 25.72 -45.83
CA PRO C 97 12.49 27.01 -45.94
C PRO C 97 11.58 28.18 -45.56
N GLY C 98 12.20 29.33 -45.39
CA GLY C 98 11.50 30.63 -45.27
C GLY C 98 12.14 31.54 -46.29
N TYR C 99 11.49 32.65 -46.61
CA TYR C 99 11.99 33.48 -47.70
C TYR C 99 12.11 34.95 -47.30
N VAL C 100 13.30 35.51 -47.50
CA VAL C 100 13.46 36.95 -47.38
C VAL C 100 13.84 37.64 -48.68
N ARG C 101 12.99 38.59 -49.08
CA ARG C 101 13.21 39.47 -50.26
C ARG C 101 12.51 40.85 -50.12
N LEU C 102 12.73 41.78 -51.07
CA LEU C 102 12.15 43.15 -50.98
C LEU C 102 11.11 43.48 -52.06
N GLU D 1 -2.95 -55.06 16.07
CA GLU D 1 -4.01 -54.50 15.21
C GLU D 1 -3.50 -53.25 14.51
N SER D 2 -2.96 -53.40 13.31
CA SER D 2 -2.30 -52.29 12.61
C SER D 2 -3.29 -51.15 12.41
N PRO D 3 -2.88 -49.89 12.65
CA PRO D 3 -3.72 -48.73 12.29
C PRO D 3 -3.54 -48.38 10.83
N PHE D 4 -2.48 -48.90 10.23
CA PHE D 4 -2.36 -48.67 8.82
C PHE D 4 -3.50 -49.29 8.11
N VAL D 5 -3.98 -48.50 7.18
CA VAL D 5 -5.02 -48.86 6.25
C VAL D 5 -4.40 -48.99 4.85
N SER D 6 -3.29 -48.32 4.59
CA SER D 6 -2.57 -48.59 3.34
C SER D 6 -1.00 -48.46 3.49
N ASN D 7 -0.27 -49.40 2.92
CA ASN D 7 1.20 -49.48 3.09
C ASN D 7 1.96 -49.00 1.86
N PRO D 8 3.25 -48.66 2.02
CA PRO D 8 3.96 -48.15 0.86
C PRO D 8 4.02 -49.15 -0.23
N GLY D 9 3.93 -48.69 -1.46
CA GLY D 9 4.10 -49.53 -2.63
C GLY D 9 5.56 -49.75 -3.03
N ASN D 10 5.79 -50.44 -4.14
CA ASN D 10 7.14 -50.68 -4.62
C ASN D 10 7.42 -49.70 -5.75
N ILE D 11 8.68 -49.36 -5.96
CA ILE D 11 9.06 -48.63 -7.14
C ILE D 11 10.27 -49.30 -7.70
N THR D 12 10.30 -49.46 -9.01
CA THR D 12 11.55 -49.87 -9.65
C THR D 12 11.68 -49.22 -11.03
N GLY D 13 12.85 -48.63 -11.30
CA GLY D 13 13.09 -47.87 -12.52
C GLY D 13 14.55 -47.44 -12.67
N ALA D 14 14.85 -46.71 -13.74
CA ALA D 14 16.25 -46.32 -14.01
C ALA D 14 16.66 -45.08 -13.22
N ARG D 15 17.95 -44.79 -13.21
CA ARG D 15 18.45 -43.57 -12.61
C ARG D 15 17.77 -42.30 -13.14
N GLY D 16 17.55 -41.36 -12.19
CA GLY D 16 16.89 -40.07 -12.45
C GLY D 16 15.39 -40.08 -12.39
N LEU D 17 14.77 -41.25 -12.25
CA LEU D 17 13.30 -41.32 -12.11
C LEU D 17 12.82 -40.68 -10.80
N THR D 18 11.81 -39.87 -10.93
CA THR D 18 11.17 -39.22 -9.82
C THR D 18 9.91 -40.02 -9.55
N GLY D 19 9.61 -40.28 -8.28
CA GLY D 19 8.31 -40.91 -7.95
C GLY D 19 8.01 -40.74 -6.49
N THR D 20 6.87 -41.26 -6.06
CA THR D 20 6.40 -41.11 -4.72
C THR D 20 5.98 -42.44 -4.08
N LEU D 21 5.94 -42.45 -2.76
CA LEU D 21 5.38 -43.56 -2.01
C LEU D 21 4.47 -42.91 -1.02
N ARG D 22 3.53 -43.68 -0.51
CA ARG D 22 2.67 -43.21 0.51
C ARG D 22 2.10 -44.29 1.38
N CYS D 23 1.54 -43.87 2.50
CA CYS D 23 0.93 -44.74 3.51
C CYS D 23 -0.24 -44.01 4.14
N GLN D 24 -1.29 -44.70 4.55
CA GLN D 24 -2.24 -44.07 5.44
C GLN D 24 -2.74 -44.89 6.55
N LEU D 25 -3.20 -44.20 7.58
CA LEU D 25 -3.76 -44.86 8.70
C LEU D 25 -5.04 -44.23 9.14
N GLN D 26 -5.82 -45.00 9.87
CA GLN D 26 -6.95 -44.44 10.57
C GLN D 26 -6.72 -44.66 12.02
N VAL D 27 -6.87 -43.61 12.79
CA VAL D 27 -6.68 -43.72 14.21
C VAL D 27 -7.83 -43.10 14.91
N GLN D 28 -7.98 -43.50 16.16
CA GLN D 28 -8.94 -42.95 17.07
C GLN D 28 -8.16 -42.02 17.99
N GLY D 29 -8.73 -40.89 18.35
CA GLY D 29 -8.01 -39.97 19.23
C GLY D 29 -6.95 -39.21 18.47
N GLU D 30 -5.95 -38.71 19.19
CA GLU D 30 -4.96 -37.77 18.70
C GLU D 30 -4.10 -38.32 17.53
N PRO D 31 -3.98 -37.58 16.42
CA PRO D 31 -3.26 -38.13 15.27
C PRO D 31 -1.76 -38.02 15.40
N PRO D 32 -1.01 -39.00 14.93
CA PRO D 32 0.39 -38.80 15.11
C PRO D 32 1.11 -38.21 13.89
N GLU D 33 2.41 -37.95 14.11
CA GLU D 33 3.36 -37.61 13.13
C GLU D 33 3.76 -38.87 12.43
N VAL D 34 3.97 -38.81 11.11
CA VAL D 34 4.50 -39.94 10.45
C VAL D 34 5.93 -39.80 9.94
N HIS D 35 6.69 -40.85 10.30
CA HIS D 35 8.13 -40.92 10.02
C HIS D 35 8.31 -41.99 8.98
N TRP D 36 9.20 -41.70 8.06
CA TRP D 36 9.59 -42.62 7.07
C TRP D 36 10.87 -43.32 7.53
N LEU D 37 10.91 -44.64 7.39
CA LEU D 37 12.16 -45.44 7.59
C LEU D 37 12.68 -45.90 6.27
N ARG D 38 14.01 -45.79 6.06
CA ARG D 38 14.66 -46.52 4.97
C ARG D 38 15.69 -47.52 5.54
N ASP D 39 15.54 -48.80 5.24
CA ASP D 39 16.33 -49.84 5.81
C ASP D 39 16.36 -49.74 7.36
N GLY D 40 15.19 -49.58 7.95
CA GLY D 40 15.03 -49.58 9.40
C GLY D 40 15.53 -48.36 10.11
N GLN D 41 16.01 -47.38 9.35
CA GLN D 41 16.52 -46.14 9.90
C GLN D 41 15.57 -44.97 9.57
N ILE D 42 15.10 -44.25 10.57
CA ILE D 42 14.28 -43.08 10.33
C ILE D 42 15.00 -42.10 9.45
N LEU D 43 14.39 -41.63 8.35
CA LEU D 43 15.02 -40.62 7.49
C LEU D 43 14.88 -39.25 8.13
N GLU D 44 15.97 -38.62 8.47
CA GLU D 44 15.88 -37.32 9.09
C GLU D 44 16.08 -36.24 8.05
N LEU D 45 16.49 -36.61 6.85
CA LEU D 45 16.46 -35.73 5.71
C LEU D 45 15.48 -36.31 4.69
N VAL D 46 14.32 -35.69 4.58
CA VAL D 46 13.23 -36.29 3.72
C VAL D 46 12.36 -35.18 3.05
N ASP D 47 11.82 -35.45 1.86
CA ASP D 47 10.78 -34.60 1.23
C ASP D 47 9.46 -35.33 1.57
N SER D 48 8.70 -34.92 2.57
CA SER D 48 7.47 -35.61 2.89
C SER D 48 6.34 -34.66 3.11
N THR D 49 5.11 -35.14 2.95
CA THR D 49 3.96 -34.29 3.01
C THR D 49 2.97 -35.13 3.76
N GLN D 50 2.60 -34.63 4.92
CA GLN D 50 1.70 -35.31 5.84
C GLN D 50 0.36 -34.57 5.88
N THR D 51 -0.72 -35.34 5.85
CA THR D 51 -2.08 -34.89 5.87
C THR D 51 -2.88 -35.52 7.03
N GLN D 52 -3.59 -34.72 7.80
CA GLN D 52 -4.46 -35.21 8.82
C GLN D 52 -5.82 -34.61 8.60
N VAL D 53 -6.83 -35.44 8.67
CA VAL D 53 -8.20 -34.99 8.51
C VAL D 53 -9.06 -35.58 9.62
N PRO D 54 -9.77 -34.76 10.37
CA PRO D 54 -10.65 -35.36 11.37
C PRO D 54 -11.94 -35.77 10.67
N LEU D 55 -12.41 -36.98 10.97
CA LEU D 55 -13.46 -37.59 10.19
C LEU D 55 -14.82 -37.21 10.69
N GLY D 56 -14.91 -36.94 11.98
CA GLY D 56 -16.16 -36.42 12.54
C GLY D 56 -15.90 -35.02 13.01
N GLU D 57 -16.84 -34.42 13.71
CA GLU D 57 -16.66 -33.08 14.24
C GLU D 57 -16.15 -33.23 15.70
N ASP D 58 -15.66 -34.42 16.01
CA ASP D 58 -14.98 -34.70 17.27
C ASP D 58 -13.48 -34.91 16.95
N GLU D 59 -12.59 -33.96 17.29
CA GLU D 59 -11.09 -34.24 17.19
C GLU D 59 -10.68 -35.50 17.99
N GLN D 60 -11.47 -35.90 18.98
CA GLN D 60 -11.19 -37.13 19.73
C GLN D 60 -11.79 -38.34 18.99
N GLY D 61 -12.59 -38.01 17.95
CA GLY D 61 -13.05 -39.00 16.97
C GLY D 61 -11.91 -39.59 16.15
N ASP D 62 -12.27 -40.40 15.19
CA ASP D 62 -11.34 -40.93 14.23
C ASP D 62 -10.59 -39.87 13.36
N TRP D 63 -9.39 -40.21 12.92
CA TRP D 63 -8.65 -39.41 11.89
C TRP D 63 -8.14 -40.21 10.73
N ILE D 64 -8.11 -39.58 9.57
CA ILE D 64 -7.34 -40.12 8.47
C ILE D 64 -6.03 -39.41 8.60
N VAL D 65 -4.93 -40.16 8.45
CA VAL D 65 -3.60 -39.59 8.38
C VAL D 65 -2.82 -40.22 7.25
N ALA D 66 -2.09 -39.44 6.47
CA ALA D 66 -1.38 -39.96 5.33
C ALA D 66 -0.07 -39.24 5.22
N SER D 67 0.92 -39.92 4.64
CA SER D 67 2.18 -39.26 4.28
C SER D 67 2.56 -39.68 2.91
N GLN D 68 3.13 -38.76 2.17
CA GLN D 68 3.66 -39.03 0.86
C GLN D 68 5.10 -38.60 0.90
N LEU D 69 6.02 -39.51 0.52
CA LEU D 69 7.42 -39.22 0.38
C LEU D 69 7.76 -39.16 -1.09
N ARG D 70 8.69 -38.26 -1.41
CA ARG D 70 9.05 -37.98 -2.75
C ARG D 70 10.52 -38.30 -2.97
N ILE D 71 10.84 -38.99 -4.04
CA ILE D 71 12.23 -39.28 -4.42
C ILE D 71 12.38 -38.51 -5.69
N THR D 72 13.27 -37.52 -5.67
CA THR D 72 13.30 -36.52 -6.74
C THR D 72 14.05 -36.98 -7.96
N SER D 73 15.15 -37.69 -7.74
CA SER D 73 16.00 -38.14 -8.82
C SER D 73 16.74 -39.43 -8.42
N LEU D 74 16.11 -40.57 -8.73
CA LEU D 74 16.48 -41.87 -8.16
C LEU D 74 17.95 -42.22 -8.38
N GLN D 75 18.61 -42.53 -7.27
CA GLN D 75 20.01 -42.92 -7.26
C GLN D 75 20.15 -44.11 -6.30
N LEU D 76 21.33 -44.70 -6.25
CA LEU D 76 21.55 -45.94 -5.53
C LEU D 76 21.27 -45.86 -4.04
N SER D 77 21.67 -44.71 -3.44
CA SER D 77 21.38 -44.40 -2.05
C SER D 77 19.90 -44.22 -1.72
N ASP D 78 19.03 -44.05 -2.71
CA ASP D 78 17.60 -43.92 -2.44
C ASP D 78 16.95 -45.30 -2.33
N THR D 79 17.74 -46.35 -2.51
CA THR D 79 17.20 -47.65 -2.78
C THR D 79 17.06 -48.44 -1.46
N GLY D 80 16.09 -49.36 -1.37
CA GLY D 80 16.03 -50.20 -0.21
C GLY D 80 14.59 -50.34 0.21
N GLN D 81 14.43 -50.67 1.48
CA GLN D 81 13.17 -51.04 2.04
C GLN D 81 12.58 -49.84 2.78
N TYR D 82 11.39 -49.38 2.35
CA TYR D 82 10.74 -48.23 2.97
C TYR D 82 9.50 -48.53 3.75
N GLN D 83 9.41 -47.87 4.88
CA GLN D 83 8.21 -47.97 5.63
C GLN D 83 7.89 -46.78 6.53
N CYS D 84 6.65 -46.75 7.01
CA CYS D 84 6.21 -45.70 7.85
C CYS D 84 6.18 -46.21 9.24
N LEU D 85 6.40 -45.31 10.18
CA LEU D 85 6.30 -45.61 11.57
C LEU D 85 5.53 -44.49 12.30
N VAL D 86 4.67 -44.85 13.25
CA VAL D 86 4.12 -43.85 14.18
C VAL D 86 4.22 -44.36 15.62
N PHE D 87 4.26 -43.41 16.53
CA PHE D 87 4.07 -43.63 17.94
C PHE D 87 2.68 -43.17 18.32
N LEU D 88 1.99 -44.04 19.08
CA LEU D 88 0.74 -43.72 19.72
C LEU D 88 0.91 -44.02 21.21
N GLY D 89 0.78 -42.99 22.06
CA GLY D 89 0.87 -43.19 23.52
C GLY D 89 2.18 -43.80 23.98
N HIS D 90 2.15 -45.08 24.37
CA HIS D 90 3.39 -45.84 24.63
C HIS D 90 3.68 -46.96 23.58
N GLN D 91 2.66 -47.32 22.79
CA GLN D 91 2.82 -48.33 21.71
C GLN D 91 3.45 -47.69 20.47
N THR D 92 3.87 -48.53 19.51
CA THR D 92 4.42 -48.05 18.23
C THR D 92 4.20 -49.02 17.09
N PHE D 93 3.74 -48.51 15.96
CA PHE D 93 3.45 -49.35 14.81
C PHE D 93 4.25 -48.92 13.65
N VAL D 94 4.44 -49.88 12.78
CA VAL D 94 5.29 -49.78 11.66
C VAL D 94 4.58 -50.45 10.51
N SER D 95 4.58 -49.80 9.36
CA SER D 95 3.80 -50.31 8.26
C SER D 95 4.48 -51.55 7.78
N GLN D 96 3.84 -52.18 6.81
CA GLN D 96 4.43 -53.15 5.93
C GLN D 96 5.46 -52.36 5.16
N PRO D 97 6.54 -53.03 4.66
CA PRO D 97 7.55 -52.33 3.85
C PRO D 97 7.26 -52.37 2.37
N GLY D 98 7.63 -51.31 1.62
CA GLY D 98 7.66 -51.30 0.16
C GLY D 98 9.11 -51.13 -0.23
N TYR D 99 9.47 -51.50 -1.45
CA TYR D 99 10.86 -51.67 -1.88
C TYR D 99 11.14 -50.72 -3.01
N VAL D 100 12.25 -49.98 -2.95
CA VAL D 100 12.65 -49.24 -4.12
C VAL D 100 13.95 -49.79 -4.62
N ARG D 101 13.93 -50.14 -5.91
CA ARG D 101 15.06 -50.85 -6.57
C ARG D 101 15.43 -50.13 -7.86
N LEU D 102 16.72 -50.08 -8.09
CA LEU D 102 17.33 -49.43 -9.23
C LEU D 102 17.20 -50.33 -10.48
#